data_8J3S
#
_entry.id   8J3S
#
_cell.length_a   79.184
_cell.length_b   81.648
_cell.length_c   198.095
_cell.angle_alpha   90.00
_cell.angle_beta   91.13
_cell.angle_gamma   90.00
#
_symmetry.space_group_name_H-M   'C 1 2 1'
#
loop_
_entity.id
_entity.type
_entity.pdbx_description
1 polymer Assemblin
2 polymer PHE-ILE-THR-GLY-HIS-TYR-TRP-VAL-ARG-PHE-LEU-PRO-CYS-GLY
3 water water
#
loop_
_entity_poly.entity_id
_entity_poly.type
_entity_poly.pdbx_seq_one_letter_code
_entity_poly.pdbx_strand_id
1 'polypeptide(L)'
;MHHHHHHMTMDEQQPQAVTPVYVGGFLARYDQSPDEAELLLPRDVVEHWLHAQGQGQPSLSVALPLNINHDDTAVVGHVA
AMQSVRDGLFCLGCVTSPRFLEIVRRASEKSELVSRGPVSPLQPDKVVEFLSGSYAGLSLSSRRCDDVEQATSLSGSETT
PFKHVALCSVGRRRGTLAVYGRDPEWVTQRFPDLTAADRDGLRAQWQRCGSTAVDASGDPFRSDSYGLLGNSVDALYIRE
RLPKLRYDKQLVGVTERESYVKA
;
A,B,C,D
2 'polypeptide(L)' FITGHYWVRFLP(CCS) E,F,G
#
# COMPACT_ATOMS: atom_id res chain seq x y z
N THR A 19 -5.46 5.13 32.85
CA THR A 19 -5.40 3.67 32.56
C THR A 19 -4.97 2.87 33.81
N PRO A 20 -5.48 1.62 33.97
CA PRO A 20 -4.90 0.76 34.99
C PRO A 20 -3.56 0.18 34.51
N VAL A 21 -2.80 -0.40 35.44
CA VAL A 21 -1.55 -1.07 35.11
C VAL A 21 -1.64 -2.54 35.50
N TYR A 22 -1.24 -3.43 34.61
CA TYR A 22 -1.20 -4.88 34.87
C TYR A 22 0.16 -5.32 35.42
N VAL A 23 0.17 -6.38 36.23
CA VAL A 23 1.41 -6.89 36.83
C VAL A 23 1.46 -8.41 36.75
N GLY A 24 2.56 -8.93 36.19
CA GLY A 24 2.76 -10.36 36.08
C GLY A 24 3.97 -10.84 36.86
N GLY A 25 3.91 -12.09 37.28
CA GLY A 25 5.04 -12.74 37.95
C GLY A 25 4.64 -13.97 38.74
N PHE A 26 5.66 -14.74 39.13
CA PHE A 26 5.49 -15.94 39.95
C PHE A 26 5.32 -15.54 41.42
N LEU A 27 4.48 -16.27 42.14
CA LEU A 27 4.28 -16.03 43.56
C LEU A 27 5.09 -17.04 44.36
N ALA A 28 5.38 -18.15 43.70
CA ALA A 28 6.22 -19.23 44.21
C ALA A 28 6.84 -19.93 43.00
N ARG A 29 7.96 -20.63 43.22
CA ARG A 29 8.54 -21.44 42.16
C ARG A 29 8.85 -22.87 42.58
N TYR A 30 8.45 -23.83 41.75
CA TYR A 30 8.64 -25.25 42.05
C TYR A 30 10.10 -25.69 41.97
N ASP A 31 10.88 -25.00 41.13
CA ASP A 31 12.30 -25.29 40.94
C ASP A 31 13.23 -24.54 41.90
N GLN A 32 12.65 -23.86 42.91
CA GLN A 32 13.42 -23.10 43.91
C GLN A 32 13.11 -23.59 45.32
N SER A 33 14.16 -23.92 46.06
CA SER A 33 14.01 -24.41 47.43
C SER A 33 14.37 -23.32 48.44
N PRO A 34 13.37 -22.82 49.19
CA PRO A 34 13.66 -21.76 50.17
C PRO A 34 14.52 -22.17 51.36
N ASP A 35 15.37 -21.25 51.81
CA ASP A 35 16.12 -21.37 53.06
C ASP A 35 15.15 -21.63 54.23
N GLU A 36 14.16 -20.76 54.38
CA GLU A 36 13.14 -20.95 55.41
C GLU A 36 12.13 -21.95 54.89
N ALA A 37 12.09 -23.10 55.56
CA ALA A 37 11.28 -24.25 55.14
C ALA A 37 9.76 -23.99 55.20
N GLU A 38 9.37 -22.98 55.97
CA GLU A 38 7.98 -22.53 56.06
C GLU A 38 7.46 -21.99 54.72
N LEU A 39 8.40 -21.55 53.88
CA LEU A 39 8.08 -20.98 52.57
C LEU A 39 7.93 -21.99 51.43
N LEU A 40 8.07 -23.28 51.77
CA LEU A 40 7.75 -24.39 50.86
C LEU A 40 6.30 -24.27 50.40
N LEU A 41 6.09 -24.59 49.12
CA LEU A 41 4.79 -24.48 48.48
C LEU A 41 4.84 -25.30 47.18
N PRO A 42 4.59 -26.64 47.30
CA PRO A 42 4.76 -27.57 46.18
C PRO A 42 3.55 -27.65 45.26
N ARG A 43 3.78 -28.24 44.08
CA ARG A 43 2.79 -28.39 43.02
C ARG A 43 1.50 -29.10 43.44
N ASP A 44 1.61 -30.15 44.26
CA ASP A 44 0.44 -30.84 44.82
C ASP A 44 -0.42 -29.84 45.58
N VAL A 45 0.22 -29.09 46.47
CA VAL A 45 -0.45 -28.19 47.42
C VAL A 45 -1.05 -26.99 46.70
N VAL A 46 -0.25 -26.37 45.83
CA VAL A 46 -0.72 -25.20 45.07
C VAL A 46 -1.96 -25.55 44.24
N GLU A 47 -1.90 -26.66 43.50
CA GLU A 47 -2.98 -27.07 42.58
C GLU A 47 -4.28 -27.49 43.28
N HIS A 48 -4.16 -28.17 44.41
CA HIS A 48 -5.31 -28.54 45.23
C HIS A 48 -5.97 -27.30 45.84
N TRP A 49 -5.15 -26.30 46.16
CA TRP A 49 -5.61 -25.01 46.68
C TRP A 49 -6.37 -24.19 45.65
N LEU A 50 -5.95 -24.27 44.39
CA LEU A 50 -6.60 -23.55 43.28
C LEU A 50 -7.98 -24.10 42.96
N HIS A 51 -8.19 -25.38 43.28
CA HIS A 51 -9.51 -26.02 43.20
C HIS A 51 -10.45 -25.50 44.30
N ALA A 52 -9.96 -25.43 45.54
CA ALA A 52 -10.72 -24.88 46.66
C ALA A 52 -10.69 -23.35 46.63
N VAL A 62 -14.74 -11.97 45.58
CA VAL A 62 -14.51 -13.27 44.95
C VAL A 62 -13.15 -13.35 44.23
N ALA A 63 -12.46 -12.21 44.14
CA ALA A 63 -11.11 -12.13 43.59
C ALA A 63 -10.18 -11.48 44.60
N LEU A 64 -9.08 -12.17 44.91
CA LEU A 64 -8.09 -11.75 45.91
C LEU A 64 -7.70 -10.27 45.77
N PRO A 65 -7.54 -9.55 46.90
CA PRO A 65 -7.05 -8.17 46.81
C PRO A 65 -5.54 -8.06 46.52
N LEU A 66 -5.16 -7.00 45.79
CA LEU A 66 -3.76 -6.61 45.61
C LEU A 66 -3.45 -5.44 46.54
N ASN A 67 -2.57 -5.65 47.52
CA ASN A 67 -2.13 -4.57 48.42
C ASN A 67 -0.63 -4.23 48.31
N ILE A 68 -0.17 -3.26 49.10
CA ILE A 68 1.23 -2.81 49.09
C ILE A 68 1.87 -3.14 50.44
N ASN A 69 2.85 -4.05 50.41
CA ASN A 69 3.54 -4.57 51.61
C ASN A 69 2.63 -5.17 52.69
N HIS A 70 1.62 -5.92 52.24
CA HIS A 70 0.63 -6.60 53.09
C HIS A 70 -0.20 -5.71 54.03
N ASP A 71 -0.34 -4.43 53.67
CA ASP A 71 -1.15 -3.47 54.42
C ASP A 71 -2.59 -3.52 53.90
N ASP A 72 -3.52 -3.97 54.76
CA ASP A 72 -4.96 -4.01 54.48
C ASP A 72 -5.55 -2.70 53.95
N THR A 73 -4.94 -1.59 54.34
CA THR A 73 -5.34 -0.26 53.91
C THR A 73 -4.72 0.15 52.57
N ALA A 74 -3.77 -0.64 52.06
CA ALA A 74 -3.09 -0.37 50.78
C ALA A 74 -3.49 -1.29 49.62
N VAL A 75 -4.76 -1.67 49.56
CA VAL A 75 -5.30 -2.43 48.43
C VAL A 75 -5.33 -1.54 47.20
N VAL A 76 -4.66 -1.98 46.14
CA VAL A 76 -4.55 -1.20 44.91
C VAL A 76 -5.32 -1.83 43.77
N GLY A 77 -5.89 -3.00 44.04
CA GLY A 77 -6.68 -3.73 43.05
C GLY A 77 -6.96 -5.18 43.39
N HIS A 78 -6.71 -6.06 42.41
CA HIS A 78 -7.09 -7.46 42.48
C HIS A 78 -6.23 -8.38 41.60
N VAL A 79 -6.19 -9.66 41.97
CA VAL A 79 -5.51 -10.68 41.21
C VAL A 79 -6.47 -11.07 40.09
N ALA A 80 -6.10 -10.76 38.84
CA ALA A 80 -6.96 -11.05 37.69
C ALA A 80 -6.90 -12.50 37.22
N ALA A 81 -5.78 -13.18 37.46
CA ALA A 81 -5.56 -14.58 37.05
C ALA A 81 -4.52 -15.29 37.91
N MET A 82 -4.62 -16.61 37.97
CA MET A 82 -3.72 -17.50 38.71
C MET A 82 -3.59 -18.76 37.87
N GLN A 83 -2.36 -19.26 37.70
CA GLN A 83 -2.12 -20.46 36.90
C GLN A 83 -0.90 -21.20 37.41
N SER A 84 -1.08 -22.48 37.71
CA SER A 84 0.02 -23.35 38.07
C SER A 84 0.63 -23.87 36.78
N VAL A 85 1.84 -23.40 36.48
CA VAL A 85 2.52 -23.75 35.24
C VAL A 85 3.71 -24.67 35.54
N ARG A 86 4.50 -25.01 34.53
CA ARG A 86 5.63 -25.95 34.67
C ARG A 86 6.56 -25.63 35.86
N ASP A 87 6.86 -24.35 36.05
CA ASP A 87 7.89 -23.92 36.99
C ASP A 87 7.41 -23.28 38.28
N GLY A 88 6.15 -22.89 38.35
CA GLY A 88 5.63 -22.20 39.52
C GLY A 88 4.18 -21.80 39.49
N LEU A 89 3.73 -21.20 40.60
CA LEU A 89 2.45 -20.50 40.65
C LEU A 89 2.62 -19.09 40.07
N PHE A 90 2.11 -18.91 38.86
CA PHE A 90 2.11 -17.62 38.16
C PHE A 90 0.80 -16.87 38.37
N CYS A 91 0.89 -15.57 38.59
CA CYS A 91 -0.29 -14.74 38.69
C CYS A 91 -0.16 -13.44 37.91
N LEU A 92 -1.32 -12.85 37.63
CA LEU A 92 -1.42 -11.63 36.85
C LEU A 92 -2.40 -10.70 37.54
N GLY A 93 -1.86 -9.79 38.35
CA GLY A 93 -2.67 -8.82 39.12
C GLY A 93 -2.99 -7.56 38.34
N CYS A 94 -3.98 -6.81 38.82
CA CYS A 94 -4.39 -5.56 38.17
C CYS A 94 -4.44 -4.39 39.14
N VAL A 95 -3.60 -3.39 38.88
CA VAL A 95 -3.48 -2.20 39.71
C VAL A 95 -4.48 -1.14 39.21
N THR A 96 -5.57 -0.93 39.94
CA THR A 96 -6.68 -0.07 39.46
C THR A 96 -6.81 1.28 40.14
N SER A 97 -6.46 1.36 41.43
CA SER A 97 -6.72 2.54 42.25
C SER A 97 -6.30 3.88 41.66
N PRO A 98 -7.27 4.78 41.39
CA PRO A 98 -6.94 6.17 41.04
C PRO A 98 -6.18 6.94 42.13
N ARG A 99 -6.54 6.72 43.40
CA ARG A 99 -5.84 7.35 44.52
C ARG A 99 -4.38 6.90 44.60
N PHE A 100 -4.13 5.60 44.42
CA PHE A 100 -2.76 5.07 44.42
C PHE A 100 -2.01 5.50 43.18
N LEU A 101 -2.57 5.25 41.99
CA LEU A 101 -1.89 5.63 40.73
C LEU A 101 -1.58 7.12 40.62
N GLU A 102 -2.38 7.94 41.30
CA GLU A 102 -2.13 9.38 41.37
C GLU A 102 -0.96 9.72 42.29
N ILE A 103 -0.79 8.97 43.38
CA ILE A 103 0.39 9.09 44.25
C ILE A 103 1.62 8.73 43.41
N VAL A 104 1.54 7.60 42.72
CA VAL A 104 2.64 7.11 41.88
C VAL A 104 3.03 8.11 40.79
N ARG A 105 2.03 8.74 40.18
CA ARG A 105 2.20 9.75 39.14
C ARG A 105 3.01 10.94 39.66
N ARG A 106 2.59 11.51 40.78
CA ARG A 106 3.26 12.67 41.37
C ARG A 106 4.68 12.34 41.85
N ALA A 107 4.85 11.16 42.45
CA ALA A 107 6.15 10.67 42.87
C ALA A 107 7.08 10.34 41.68
N SER A 108 6.53 9.86 40.57
CA SER A 108 7.33 9.46 39.41
C SER A 108 8.07 10.62 38.75
N GLU A 109 7.48 11.81 38.84
CA GLU A 109 8.04 13.06 38.30
C GLU A 109 9.11 13.67 39.24
N LYS A 110 9.56 12.89 40.21
CA LYS A 110 10.55 13.33 41.20
C LYS A 110 11.60 12.24 41.45
N SER A 111 11.69 11.32 40.50
CA SER A 111 12.68 10.26 40.49
C SER A 111 13.68 10.47 39.37
N GLU A 112 14.95 10.46 39.75
CA GLU A 112 16.07 10.55 38.83
C GLU A 112 16.21 9.26 38.02
N LEU A 113 15.77 8.13 38.59
CA LEU A 113 15.73 6.86 37.87
C LEU A 113 14.71 6.93 36.74
N VAL A 114 13.50 7.37 37.06
CA VAL A 114 12.41 7.48 36.07
C VAL A 114 12.77 8.47 34.93
N SER A 115 13.47 9.54 35.29
CA SER A 115 13.96 10.55 34.34
C SER A 115 14.89 10.00 33.27
N ARG A 116 15.72 9.04 33.66
CA ARG A 116 16.69 8.38 32.76
C ARG A 116 16.00 7.54 31.66
N GLY A 117 14.81 7.02 31.95
CA GLY A 117 13.99 6.34 30.96
C GLY A 117 14.06 4.82 30.94
N PRO A 118 13.34 4.16 29.99
CA PRO A 118 13.41 2.72 29.74
C PRO A 118 14.27 2.35 28.54
N VAL A 119 14.63 1.08 28.42
CA VAL A 119 15.41 0.55 27.28
C VAL A 119 14.65 0.69 25.96
N SER A 120 15.37 1.01 24.89
CA SER A 120 14.85 0.91 23.51
C SER A 120 14.25 -0.51 23.30
N PRO A 121 13.09 -0.63 22.64
CA PRO A 121 12.43 0.49 21.98
C PRO A 121 11.17 0.98 22.72
N LEU A 122 11.09 0.76 24.02
CA LEU A 122 9.87 1.10 24.79
C LEU A 122 9.65 2.60 25.00
N GLN A 123 8.38 3.01 24.95
CA GLN A 123 7.99 4.40 25.23
C GLN A 123 8.14 4.70 26.73
N PRO A 124 8.69 5.88 27.07
CA PRO A 124 8.63 6.36 28.45
C PRO A 124 7.20 6.29 28.99
N ASP A 125 7.08 5.71 30.17
CA ASP A 125 5.84 5.53 30.88
C ASP A 125 6.20 5.69 32.36
N LYS A 126 6.19 6.94 32.84
CA LYS A 126 6.59 7.29 34.20
C LYS A 126 5.93 6.47 35.30
N VAL A 127 4.63 6.19 35.13
CA VAL A 127 3.85 5.44 36.12
C VAL A 127 4.34 3.98 36.20
N VAL A 128 4.40 3.31 35.05
CA VAL A 128 4.87 1.92 34.98
C VAL A 128 6.34 1.81 35.46
N GLU A 129 7.18 2.73 35.02
CA GLU A 129 8.60 2.72 35.41
C GLU A 129 8.81 2.82 36.93
N PHE A 130 8.00 3.65 37.58
CA PHE A 130 8.13 3.88 39.02
C PHE A 130 7.76 2.63 39.80
N LEU A 131 6.63 2.01 39.43
CA LEU A 131 6.17 0.76 40.05
C LEU A 131 7.19 -0.35 39.80
N SER A 132 7.70 -0.43 38.56
CA SER A 132 8.76 -1.36 38.18
C SER A 132 9.97 -1.26 39.09
N GLY A 133 10.37 -0.03 39.42
CA GLY A 133 11.51 0.22 40.30
C GLY A 133 11.18 -0.05 41.74
N SER A 134 10.14 0.64 42.22
CA SER A 134 9.71 0.63 43.62
C SER A 134 9.21 -0.72 44.13
N TYR A 135 8.31 -1.36 43.37
CA TYR A 135 7.68 -2.62 43.80
C TYR A 135 8.05 -3.78 42.88
N ALA A 136 9.32 -4.13 42.91
CA ALA A 136 9.92 -5.08 41.98
C ALA A 136 9.58 -6.53 42.30
N GLY A 137 9.10 -6.77 43.54
CA GLY A 137 8.80 -8.11 44.00
C GLY A 137 7.31 -8.42 44.13
N LEU A 138 7.03 -9.71 44.21
CA LEU A 138 5.71 -10.22 44.54
C LEU A 138 5.79 -11.04 45.83
N SER A 139 4.74 -10.94 46.64
CA SER A 139 4.65 -11.74 47.87
C SER A 139 3.24 -12.26 48.11
N LEU A 140 3.11 -13.58 48.08
CA LEU A 140 1.84 -14.24 48.38
C LEU A 140 1.63 -14.28 49.88
N SER A 141 0.37 -14.16 50.28
CA SER A 141 -0.07 -14.46 51.64
C SER A 141 -1.01 -15.67 51.61
N SER A 142 -0.58 -16.75 52.23
CA SER A 142 -1.25 -18.05 52.15
C SER A 142 -1.24 -18.77 53.49
N ARG A 143 -2.07 -19.82 53.60
CA ARG A 143 -2.22 -20.61 54.82
C ARG A 143 -0.99 -21.49 55.14
N ARG A 144 -0.97 -22.03 56.37
CA ARG A 144 0.11 -22.84 56.97
C ARG A 144 1.22 -21.97 57.55
N THR A 160 -10.46 -20.03 53.30
CA THR A 160 -9.84 -20.27 52.00
C THR A 160 -8.31 -20.05 52.03
N PRO A 161 -7.54 -20.83 51.23
CA PRO A 161 -6.10 -21.00 51.50
C PRO A 161 -5.19 -19.83 51.08
N PHE A 162 -5.45 -19.20 49.93
CA PHE A 162 -4.77 -17.95 49.55
C PHE A 162 -5.55 -16.77 50.12
N LYS A 163 -4.86 -15.82 50.74
CA LYS A 163 -5.52 -14.63 51.29
C LYS A 163 -5.50 -13.46 50.29
N HIS A 164 -4.30 -13.01 49.93
CA HIS A 164 -4.10 -11.88 48.99
C HIS A 164 -2.67 -11.91 48.41
N VAL A 165 -2.39 -10.98 47.50
CA VAL A 165 -1.03 -10.75 46.99
C VAL A 165 -0.58 -9.32 47.32
N ALA A 166 0.68 -9.21 47.75
CA ALA A 166 1.29 -7.91 48.04
C ALA A 166 2.35 -7.61 47.03
N LEU A 167 2.30 -6.40 46.50
CA LEU A 167 3.43 -5.79 45.84
C LEU A 167 4.37 -5.33 46.95
N CYS A 168 5.67 -5.50 46.69
CA CYS A 168 6.73 -5.22 47.66
C CYS A 168 8.02 -5.00 46.88
N SER A 169 9.05 -4.51 47.55
CA SER A 169 10.35 -4.23 46.92
C SER A 169 11.06 -5.47 46.35
N VAL A 170 11.05 -6.57 47.11
CA VAL A 170 11.61 -7.88 46.74
C VAL A 170 10.77 -8.95 47.43
N GLY A 171 10.60 -10.10 46.79
CA GLY A 171 9.95 -11.26 47.41
C GLY A 171 10.94 -12.04 48.25
N ARG A 172 10.47 -12.72 49.29
CA ARG A 172 11.35 -13.57 50.10
C ARG A 172 11.56 -14.93 49.47
N ARG A 173 10.54 -15.41 48.76
CA ARG A 173 10.66 -16.55 47.87
C ARG A 173 11.35 -16.03 46.61
N ARG A 174 12.28 -16.80 46.07
CA ARG A 174 13.04 -16.40 44.88
C ARG A 174 12.24 -16.69 43.60
N GLY A 175 12.52 -15.94 42.54
CA GLY A 175 11.80 -16.06 41.27
C GLY A 175 10.56 -15.17 41.17
N THR A 176 10.28 -14.43 42.24
CA THR A 176 9.05 -13.64 42.35
C THR A 176 9.18 -12.18 41.85
N LEU A 177 9.85 -12.00 40.73
CA LEU A 177 9.94 -10.69 40.06
C LEU A 177 8.57 -10.20 39.54
N ALA A 178 8.25 -8.93 39.87
CA ALA A 178 7.04 -8.28 39.36
C ALA A 178 7.34 -7.57 38.06
N VAL A 179 6.56 -7.89 37.03
CA VAL A 179 6.66 -7.23 35.73
C VAL A 179 5.39 -6.45 35.46
N TYR A 180 5.52 -5.13 35.41
CA TYR A 180 4.41 -4.21 35.14
C TYR A 180 4.30 -3.85 33.65
N GLY A 181 3.13 -3.34 33.26
CA GLY A 181 2.86 -2.91 31.90
C GLY A 181 1.38 -2.68 31.67
N ARG A 182 1.08 -1.92 30.62
CA ARG A 182 -0.29 -1.48 30.34
C ARG A 182 -1.14 -2.59 29.73
N ASP A 183 -0.52 -3.44 28.94
CA ASP A 183 -1.21 -4.52 28.24
C ASP A 183 -0.94 -5.84 28.94
N PRO A 184 -2.01 -6.57 29.34
CA PRO A 184 -1.80 -7.82 30.07
C PRO A 184 -1.27 -8.93 29.17
N GLU A 185 -1.66 -8.93 27.90
CA GLU A 185 -1.09 -9.83 26.89
C GLU A 185 0.41 -9.58 26.73
N TRP A 186 0.80 -8.32 26.83
CA TRP A 186 2.19 -7.93 26.75
C TRP A 186 3.01 -8.38 27.97
N VAL A 187 2.52 -8.14 29.20
CA VAL A 187 3.30 -8.52 30.39
C VAL A 187 3.45 -10.04 30.51
N THR A 188 2.42 -10.76 30.10
CA THR A 188 2.42 -12.21 30.14
C THR A 188 3.43 -12.78 29.13
N GLN A 189 3.68 -12.01 28.06
CA GLN A 189 4.65 -12.34 27.00
C GLN A 189 6.09 -12.00 27.37
N ARG A 190 6.28 -11.32 28.49
CA ARG A 190 7.61 -11.04 29.01
C ARG A 190 8.28 -12.32 29.49
N PHE A 191 7.46 -13.26 29.97
CA PHE A 191 7.91 -14.53 30.51
C PHE A 191 7.96 -15.60 29.41
N PRO A 192 9.17 -15.86 28.85
CA PRO A 192 9.28 -16.67 27.64
C PRO A 192 9.01 -18.18 27.82
N ASP A 193 9.14 -18.66 29.05
CA ASP A 193 8.96 -20.08 29.36
C ASP A 193 7.50 -20.50 29.61
N LEU A 194 6.58 -19.53 29.65
CA LEU A 194 5.15 -19.82 29.67
C LEU A 194 4.74 -20.38 28.32
N THR A 195 4.08 -21.55 28.33
CA THR A 195 3.58 -22.15 27.09
C THR A 195 2.32 -21.41 26.62
N ALA A 196 1.91 -21.66 25.37
CA ALA A 196 0.66 -21.12 24.84
C ALA A 196 -0.54 -21.75 25.55
N ALA A 197 -0.36 -22.97 26.05
CA ALA A 197 -1.36 -23.63 26.90
C ALA A 197 -1.57 -22.86 28.20
N ASP A 198 -0.47 -22.37 28.78
CA ASP A 198 -0.44 -21.58 30.01
C ASP A 198 -1.12 -20.22 29.83
N ARG A 199 -0.74 -19.53 28.76
CA ARG A 199 -1.27 -18.21 28.43
C ARG A 199 -2.79 -18.22 28.21
N ASP A 200 -3.31 -19.23 27.52
CA ASP A 200 -4.76 -19.43 27.28
C ASP A 200 -5.55 -19.50 28.59
N GLY A 201 -5.04 -20.28 29.54
CA GLY A 201 -5.61 -20.42 30.87
C GLY A 201 -5.61 -19.10 31.62
N LEU A 202 -4.55 -18.31 31.43
CA LEU A 202 -4.44 -16.99 32.03
C LEU A 202 -5.39 -15.99 31.37
N ARG A 203 -5.34 -15.93 30.04
CA ARG A 203 -6.22 -15.07 29.22
C ARG A 203 -7.68 -15.24 29.55
N ALA A 204 -8.11 -16.50 29.75
CA ALA A 204 -9.46 -16.85 30.16
C ALA A 204 -9.90 -16.05 31.37
N GLN A 205 -9.01 -15.93 32.36
CA GLN A 205 -9.32 -15.32 33.64
C GLN A 205 -9.41 -13.79 33.60
N TRP A 206 -8.44 -13.12 32.99
CA TRP A 206 -8.45 -11.65 32.91
C TRP A 206 -9.43 -11.05 31.90
N GLN A 207 -9.90 -11.87 30.96
CA GLN A 207 -10.91 -11.47 29.97
C GLN A 207 -12.35 -11.70 30.46
N ARG A 208 -12.50 -12.52 31.51
CA ARG A 208 -13.80 -12.85 32.10
C ARG A 208 -14.46 -11.62 32.70
N CYS A 209 -15.67 -11.32 32.24
CA CYS A 209 -16.42 -10.12 32.64
C CYS A 209 -16.91 -10.20 34.08
N GLY A 210 -16.64 -9.14 34.84
CA GLY A 210 -17.14 -8.99 36.21
C GLY A 210 -18.64 -8.72 36.23
N SER A 211 -19.20 -8.61 37.45
CA SER A 211 -20.63 -8.33 37.65
C SER A 211 -21.11 -7.17 36.77
N THR A 212 -22.12 -7.47 35.97
CA THR A 212 -22.79 -6.50 35.12
C THR A 212 -23.69 -5.53 35.95
N ALA A 213 -23.90 -5.88 37.23
CA ALA A 213 -24.77 -5.16 38.18
C ALA A 213 -24.37 -3.73 38.55
N VAL A 214 -23.20 -3.53 39.16
CA VAL A 214 -22.76 -2.17 39.52
C VAL A 214 -22.09 -1.47 38.32
N ASP A 215 -22.49 -0.23 38.09
CA ASP A 215 -22.05 0.54 36.91
C ASP A 215 -21.04 1.62 37.28
N ALA A 216 -20.09 1.19 38.10
CA ALA A 216 -18.90 1.97 38.49
C ALA A 216 -17.79 1.01 38.87
N SER A 217 -16.60 1.55 39.02
CA SER A 217 -15.45 0.78 39.46
C SER A 217 -14.96 1.44 40.73
N GLY A 218 -15.13 0.74 41.84
CA GLY A 218 -14.73 1.23 43.16
C GLY A 218 -13.22 1.35 43.33
N ASP A 219 -12.81 2.29 44.18
CA ASP A 219 -11.40 2.51 44.50
C ASP A 219 -11.06 2.02 45.93
N PRO A 220 -10.42 0.84 46.05
CA PRO A 220 -10.25 0.19 47.36
C PRO A 220 -9.24 0.85 48.28
N PHE A 221 -8.35 1.68 47.70
CA PHE A 221 -7.19 2.24 48.41
C PHE A 221 -7.59 3.17 49.55
N ARG A 222 -7.19 2.78 50.77
CA ARG A 222 -7.50 3.50 51.99
C ARG A 222 -6.24 3.92 52.75
N SER A 223 -5.14 4.13 52.03
CA SER A 223 -3.86 4.59 52.61
C SER A 223 -3.39 5.90 51.99
N ASP A 224 -2.11 6.23 52.14
CA ASP A 224 -1.55 7.49 51.60
C ASP A 224 -0.07 7.40 51.22
N SER A 225 0.45 8.49 50.63
CA SER A 225 1.87 8.60 50.30
C SER A 225 2.79 8.52 51.53
N TYR A 226 2.27 8.89 52.69
CA TYR A 226 3.02 8.79 53.96
C TYR A 226 3.31 7.35 54.31
N GLY A 227 2.32 6.48 54.08
CA GLY A 227 2.46 5.03 54.24
C GLY A 227 3.50 4.46 53.30
N LEU A 228 3.37 4.81 52.02
CA LEU A 228 4.29 4.36 50.99
C LEU A 228 5.71 4.84 51.24
N LEU A 229 5.83 6.04 51.82
CA LEU A 229 7.10 6.57 52.26
C LEU A 229 7.63 5.78 53.45
N GLY A 230 6.75 5.49 54.39
CA GLY A 230 7.10 4.67 55.55
C GLY A 230 7.61 3.30 55.15
N ASN A 231 6.99 2.73 54.12
CA ASN A 231 7.34 1.41 53.63
C ASN A 231 8.74 1.41 53.01
N SER A 232 9.13 2.56 52.43
CA SER A 232 10.35 2.67 51.64
C SER A 232 11.65 2.43 52.41
N VAL A 233 11.70 2.84 53.69
CA VAL A 233 12.91 2.65 54.52
C VAL A 233 13.22 1.18 54.63
N ASP A 234 12.18 0.40 54.90
CA ASP A 234 12.30 -1.04 55.11
C ASP A 234 12.96 -1.72 53.91
N ALA A 235 12.51 -1.33 52.73
CA ALA A 235 13.03 -1.78 51.44
C ALA A 235 14.54 -1.52 51.29
N LEU A 236 15.00 -0.42 51.86
CA LEU A 236 16.44 -0.09 51.90
C LEU A 236 17.26 -1.05 52.76
N TYR A 237 16.63 -1.74 53.71
CA TYR A 237 17.38 -2.54 54.68
C TYR A 237 17.30 -4.06 54.49
N ILE A 238 16.56 -4.47 53.46
CA ILE A 238 16.64 -5.81 52.89
C ILE A 238 18.04 -5.96 52.30
N ARG A 239 18.87 -6.78 52.97
CA ARG A 239 20.24 -7.05 52.56
C ARG A 239 20.28 -7.67 51.16
N GLU A 240 21.20 -7.17 50.34
CA GLU A 240 21.37 -7.52 48.92
C GLU A 240 20.11 -7.81 48.09
N ARG A 241 19.23 -6.81 48.11
CA ARG A 241 18.00 -6.70 47.33
C ARG A 241 18.24 -6.86 45.81
N LEU A 242 19.25 -6.17 45.29
CA LEU A 242 19.51 -6.12 43.84
C LEU A 242 20.08 -7.41 43.22
N PRO A 243 20.96 -8.15 43.95
CA PRO A 243 21.32 -9.47 43.46
C PRO A 243 20.14 -10.47 43.50
N LYS A 244 19.29 -10.36 44.52
CA LYS A 244 18.06 -11.14 44.61
C LYS A 244 17.14 -10.87 43.41
N LEU A 245 17.00 -9.60 43.06
CA LEU A 245 16.21 -9.18 41.93
C LEU A 245 16.84 -9.64 40.59
N ARG A 246 18.15 -9.48 40.45
CA ARG A 246 18.89 -9.96 39.28
C ARG A 246 18.72 -11.47 39.12
N TYR A 247 18.76 -12.18 40.25
CA TYR A 247 18.59 -13.62 40.27
C TYR A 247 17.23 -13.97 39.72
N ASP A 248 16.20 -13.30 40.22
CA ASP A 248 14.81 -13.55 39.81
C ASP A 248 14.64 -13.34 38.32
N LYS A 249 15.19 -12.22 37.84
CA LYS A 249 15.09 -11.80 36.44
C LYS A 249 15.56 -12.87 35.46
N GLN A 250 16.81 -13.33 35.60
CA GLN A 250 17.34 -14.33 34.66
C GLN A 250 16.68 -15.71 34.80
N LEU A 251 16.33 -16.08 36.03
CA LEU A 251 15.62 -17.33 36.28
C LEU A 251 14.32 -17.45 35.49
N VAL A 252 13.48 -16.40 35.55
CA VAL A 252 12.20 -16.35 34.84
C VAL A 252 12.32 -15.80 33.40
N GLY A 253 13.58 -15.59 32.98
CA GLY A 253 13.93 -15.25 31.62
C GLY A 253 13.44 -13.91 31.10
N VAL A 254 13.13 -12.99 32.01
CA VAL A 254 12.78 -11.61 31.66
C VAL A 254 14.07 -10.97 31.13
N THR A 255 14.42 -11.37 29.91
CA THR A 255 15.55 -10.90 29.12
C THR A 255 15.13 -11.34 27.71
N GLU A 256 14.36 -10.45 27.09
CA GLU A 256 13.34 -10.74 26.08
C GLU A 256 12.71 -9.40 25.74
N GLU A 258 13.58 -6.37 26.11
CA GLU A 258 12.63 -5.27 26.29
C GLU A 258 11.61 -5.55 27.40
N SER A 259 11.77 -4.80 28.49
CA SER A 259 10.88 -4.78 29.64
C SER A 259 11.11 -3.46 30.36
N TYR A 260 10.21 -3.09 31.28
CA TYR A 260 10.41 -1.91 32.14
C TYR A 260 11.19 -2.20 33.43
N VAL A 261 11.52 -3.47 33.68
CA VAL A 261 12.21 -3.89 34.91
C VAL A 261 13.46 -3.03 35.10
N LYS A 262 13.62 -2.49 36.30
CA LYS A 262 14.72 -1.57 36.56
C LYS A 262 15.99 -2.27 37.07
N ALA A 263 15.84 -3.52 37.53
CA ALA A 263 16.98 -4.34 37.99
C ALA A 263 17.64 -5.06 36.80
N THR B 19 22.10 7.16 13.60
CA THR B 19 21.88 5.70 13.84
C THR B 19 21.50 4.95 12.55
N PRO B 20 22.14 3.79 12.30
CA PRO B 20 21.71 2.85 11.25
C PRO B 20 20.45 2.07 11.64
N VAL B 21 19.73 1.56 10.65
CA VAL B 21 18.54 0.72 10.89
C VAL B 21 18.80 -0.72 10.42
N TYR B 22 18.45 -1.69 11.26
CA TYR B 22 18.53 -3.09 10.87
C TYR B 22 17.20 -3.58 10.25
N VAL B 23 17.29 -4.58 9.37
CA VAL B 23 16.10 -5.16 8.72
C VAL B 23 16.20 -6.70 8.65
N GLY B 24 15.15 -7.36 9.13
CA GLY B 24 15.09 -8.81 9.14
C GLY B 24 13.87 -9.37 8.45
N GLY B 25 13.99 -10.63 8.02
CA GLY B 25 12.91 -11.36 7.38
C GLY B 25 13.44 -12.47 6.50
N PHE B 26 12.51 -13.28 6.00
CA PHE B 26 12.84 -14.32 5.05
C PHE B 26 12.95 -13.74 3.64
N LEU B 27 13.78 -14.38 2.80
CA LEU B 27 13.90 -14.05 1.37
C LEU B 27 13.15 -15.08 0.52
N ALA B 28 13.05 -16.28 1.07
CA ALA B 28 12.25 -17.36 0.52
C ALA B 28 11.81 -18.26 1.66
N ARG B 29 10.63 -18.85 1.48
CA ARG B 29 10.06 -19.78 2.45
C ARG B 29 9.96 -21.17 1.83
N TYR B 30 10.49 -22.16 2.54
CA TYR B 30 10.52 -23.55 2.04
C TYR B 30 9.13 -24.16 2.04
N ASP B 31 8.35 -23.92 3.10
CA ASP B 31 6.97 -24.41 3.20
C ASP B 31 5.93 -23.56 2.44
N GLN B 32 6.36 -22.96 1.33
CA GLN B 32 5.52 -22.09 0.50
C GLN B 32 5.86 -22.31 -0.97
N SER B 33 5.14 -23.21 -1.63
CA SER B 33 5.36 -23.48 -3.05
C SER B 33 4.93 -22.28 -3.91
N PRO B 34 5.88 -21.70 -4.68
CA PRO B 34 5.72 -20.40 -5.36
C PRO B 34 4.66 -20.37 -6.45
N ASP B 35 4.30 -19.15 -6.88
CA ASP B 35 3.40 -18.95 -8.03
C ASP B 35 4.05 -19.48 -9.32
N GLU B 36 5.03 -18.76 -9.86
CA GLU B 36 5.82 -19.23 -10.99
C GLU B 36 6.88 -20.21 -10.50
N ALA B 37 7.02 -21.33 -11.21
CA ALA B 37 7.95 -22.42 -10.85
C ALA B 37 9.43 -22.00 -10.84
N GLU B 38 9.76 -21.01 -11.66
CA GLU B 38 11.11 -20.42 -11.74
C GLU B 38 11.60 -19.80 -10.42
N LEU B 39 10.67 -19.42 -9.54
CA LEU B 39 11.00 -18.80 -8.24
C LEU B 39 11.06 -19.81 -7.09
N LEU B 40 11.76 -20.91 -7.30
CA LEU B 40 11.94 -21.95 -6.28
C LEU B 40 13.39 -22.00 -5.79
N LEU B 41 13.56 -22.05 -4.46
CA LEU B 41 14.86 -22.20 -3.81
C LEU B 41 14.74 -23.06 -2.54
N PRO B 42 14.84 -24.41 -2.68
CA PRO B 42 14.72 -25.33 -1.52
C PRO B 42 15.97 -25.34 -0.64
N ARG B 43 15.90 -26.05 0.50
CA ARG B 43 17.00 -26.09 1.48
C ARG B 43 18.29 -26.70 0.91
N ASP B 44 18.11 -27.67 0.01
CA ASP B 44 19.21 -28.35 -0.68
C ASP B 44 20.09 -27.37 -1.45
N VAL B 45 19.45 -26.56 -2.31
CA VAL B 45 20.13 -25.63 -3.21
C VAL B 45 20.70 -24.42 -2.44
N VAL B 46 19.99 -24.01 -1.38
CA VAL B 46 20.41 -22.90 -0.52
C VAL B 46 21.68 -23.25 0.26
N GLU B 47 21.67 -24.40 0.94
CA GLU B 47 22.79 -24.88 1.76
C GLU B 47 24.12 -24.97 0.97
N HIS B 48 24.06 -25.60 -0.20
CA HIS B 48 25.23 -25.75 -1.09
C HIS B 48 25.73 -24.39 -1.63
N TRP B 49 24.79 -23.49 -1.93
CA TRP B 49 25.13 -22.12 -2.37
C TRP B 49 25.65 -21.26 -1.21
N LEU B 50 25.25 -21.58 0.03
CA LEU B 50 25.74 -20.91 1.23
C LEU B 50 27.20 -21.24 1.55
N HIS B 51 27.64 -22.43 1.14
CA HIS B 51 29.03 -22.86 1.27
C HIS B 51 30.01 -22.02 0.44
N ALA B 52 29.56 -21.54 -0.72
CA ALA B 52 30.35 -20.64 -1.58
C ALA B 52 29.95 -19.17 -1.41
N VAL B 62 33.68 -8.93 0.76
CA VAL B 62 32.59 -7.95 0.83
C VAL B 62 31.21 -8.62 0.99
N ALA B 63 30.37 -8.01 1.82
CA ALA B 63 28.99 -8.45 2.01
C ALA B 63 28.13 -8.07 0.79
N LEU B 64 27.00 -8.75 0.63
CA LEU B 64 26.02 -8.43 -0.42
C LEU B 64 25.49 -7.00 -0.25
N PRO B 65 25.30 -6.27 -1.38
CA PRO B 65 24.63 -4.96 -1.27
C PRO B 65 23.15 -5.07 -0.93
N LEU B 66 22.64 -4.02 -0.29
CA LEU B 66 21.23 -3.92 0.10
C LEU B 66 20.72 -2.66 -0.57
N ASN B 67 19.78 -2.84 -1.51
CA ASN B 67 19.27 -1.72 -2.32
C ASN B 67 17.75 -1.54 -2.25
N ILE B 68 17.28 -0.43 -2.82
CA ILE B 68 15.86 -0.13 -2.95
C ILE B 68 15.37 -0.52 -4.35
N ASN B 69 14.44 -1.49 -4.38
CA ASN B 69 13.76 -1.96 -5.61
C ASN B 69 14.70 -2.39 -6.76
N HIS B 70 15.76 -3.11 -6.40
CA HIS B 70 16.79 -3.66 -7.32
C HIS B 70 17.63 -2.65 -8.11
N ASP B 71 17.28 -1.37 -8.02
CA ASP B 71 18.01 -0.25 -8.62
C ASP B 71 19.33 -0.12 -7.87
N ASP B 72 20.42 -0.52 -8.51
CA ASP B 72 21.73 -0.49 -7.84
C ASP B 72 22.45 0.88 -7.88
N THR B 73 21.69 1.93 -8.17
CA THR B 73 22.10 3.30 -7.81
C THR B 73 21.53 3.63 -6.43
N ALA B 74 20.55 2.83 -5.99
CA ALA B 74 19.87 3.02 -4.72
C ALA B 74 20.33 2.02 -3.64
N VAL B 75 21.64 1.82 -3.53
CA VAL B 75 22.22 0.92 -2.50
C VAL B 75 22.30 1.68 -1.17
N VAL B 76 21.65 1.10 -0.16
CA VAL B 76 21.43 1.76 1.14
C VAL B 76 22.20 1.12 2.30
N GLY B 77 22.79 -0.04 2.04
CA GLY B 77 23.57 -0.75 3.06
C GLY B 77 24.11 -2.08 2.58
N HIS B 78 23.98 -3.09 3.42
CA HIS B 78 24.48 -4.43 3.14
C HIS B 78 23.75 -5.50 3.94
N VAL B 79 23.82 -6.73 3.42
CA VAL B 79 23.37 -7.92 4.13
C VAL B 79 24.40 -8.22 5.24
N ALA B 80 23.99 -8.03 6.49
CA ALA B 80 24.85 -8.32 7.64
C ALA B 80 24.96 -9.82 7.88
N ALA B 81 23.89 -10.56 7.62
CA ALA B 81 23.81 -11.99 7.96
C ALA B 81 22.86 -12.77 7.06
N MET B 82 23.18 -14.05 6.83
CA MET B 82 22.28 -14.99 6.16
C MET B 82 22.33 -16.35 6.87
N GLN B 83 21.18 -17.01 6.94
CA GLN B 83 21.05 -18.28 7.64
C GLN B 83 19.95 -19.13 7.07
N SER B 84 20.25 -20.42 6.91
CA SER B 84 19.24 -21.43 6.59
C SER B 84 18.61 -21.89 7.90
N VAL B 85 17.31 -21.66 8.03
CA VAL B 85 16.57 -22.06 9.23
C VAL B 85 15.49 -23.11 8.91
N ARG B 86 14.92 -23.70 9.96
CA ARG B 86 13.84 -24.70 9.88
C ARG B 86 12.78 -24.44 8.78
N ASP B 87 12.47 -23.17 8.52
CA ASP B 87 11.36 -22.84 7.63
C ASP B 87 11.79 -22.17 6.32
N GLY B 88 12.92 -21.47 6.34
CA GLY B 88 13.39 -20.73 5.17
C GLY B 88 14.81 -20.19 5.28
N LEU B 89 15.22 -19.44 4.25
CA LEU B 89 16.45 -18.65 4.32
C LEU B 89 16.13 -17.32 5.00
N PHE B 90 16.66 -17.14 6.21
CA PHE B 90 16.49 -15.89 6.93
C PHE B 90 17.58 -14.88 6.60
N CYS B 91 17.17 -13.63 6.44
CA CYS B 91 18.06 -12.54 6.07
C CYS B 91 18.07 -11.45 7.13
N LEU B 92 19.24 -10.84 7.33
CA LEU B 92 19.40 -9.72 8.25
C LEU B 92 20.20 -8.59 7.59
N GLY B 93 19.50 -7.63 7.01
CA GLY B 93 20.14 -6.48 6.37
C GLY B 93 20.42 -5.34 7.33
N CYS B 94 21.08 -4.31 6.82
CA CYS B 94 21.54 -3.19 7.64
C CYS B 94 21.57 -1.90 6.84
N VAL B 95 20.52 -1.10 7.01
CA VAL B 95 20.34 0.18 6.31
C VAL B 95 21.25 1.22 6.96
N THR B 96 22.38 1.52 6.30
CA THR B 96 23.43 2.39 6.89
C THR B 96 23.57 3.79 6.28
N SER B 97 23.04 3.98 5.07
CA SER B 97 23.25 5.19 4.24
C SER B 97 22.66 6.50 4.76
N PRO B 98 23.52 7.44 5.20
CA PRO B 98 23.05 8.72 5.73
C PRO B 98 22.20 9.56 4.78
N ARG B 99 22.51 9.54 3.48
CA ARG B 99 21.75 10.33 2.48
C ARG B 99 20.30 9.82 2.37
N PHE B 100 20.15 8.52 2.15
CA PHE B 100 18.86 7.84 2.11
C PHE B 100 18.09 8.06 3.38
N LEU B 101 18.75 7.80 4.52
CA LEU B 101 18.16 7.98 5.84
C LEU B 101 17.73 9.42 6.12
N GLU B 102 18.35 10.38 5.44
CA GLU B 102 17.95 11.78 5.56
C GLU B 102 16.69 12.02 4.73
N ILE B 103 16.62 11.42 3.54
CA ILE B 103 15.44 11.48 2.67
C ILE B 103 14.24 10.88 3.40
N VAL B 104 14.40 9.66 3.91
CA VAL B 104 13.38 8.97 4.70
C VAL B 104 12.89 9.85 5.86
N ARG B 105 13.83 10.39 6.64
CA ARG B 105 13.54 11.32 7.74
C ARG B 105 12.63 12.46 7.28
N ARG B 106 13.05 13.18 6.23
CA ARG B 106 12.30 14.31 5.66
C ARG B 106 10.92 13.89 5.18
N ALA B 107 10.87 12.74 4.51
CA ALA B 107 9.62 12.14 4.03
C ALA B 107 8.67 11.80 5.19
N SER B 108 9.19 11.08 6.20
CA SER B 108 8.39 10.61 7.33
C SER B 108 7.70 11.72 8.13
N GLU B 109 8.23 12.94 8.02
CA GLU B 109 7.67 14.10 8.69
C GLU B 109 6.41 14.61 7.99
N LYS B 110 6.22 14.14 6.75
CA LYS B 110 5.09 14.56 5.92
C LYS B 110 4.09 13.42 5.67
N SER B 111 4.13 12.41 6.54
CA SER B 111 3.18 11.28 6.48
C SER B 111 2.17 11.32 7.63
N GLU B 112 0.93 10.97 7.30
CA GLU B 112 -0.11 10.91 8.29
C GLU B 112 -0.13 9.55 9.00
N LEU B 113 0.38 8.52 8.32
CA LEU B 113 0.48 7.18 8.92
C LEU B 113 1.50 7.15 10.06
N VAL B 114 2.62 7.82 9.84
CA VAL B 114 3.74 7.84 10.78
C VAL B 114 3.40 8.69 12.01
N SER B 115 2.68 9.80 11.80
CA SER B 115 2.33 10.69 12.90
C SER B 115 1.31 10.04 13.84
N ARG B 116 0.52 9.10 13.32
CA ARG B 116 -0.42 8.28 14.14
C ARG B 116 0.34 7.28 15.00
N GLY B 117 1.48 6.82 14.53
CA GLY B 117 2.46 6.16 15.36
C GLY B 117 2.44 4.64 15.43
N PRO B 118 3.29 4.07 16.32
CA PRO B 118 3.41 2.62 16.49
C PRO B 118 2.48 2.06 17.56
N VAL B 119 2.30 0.74 17.54
CA VAL B 119 1.58 0.02 18.59
C VAL B 119 2.27 0.17 19.97
N SER B 120 1.47 0.37 21.01
CA SER B 120 1.92 0.31 22.42
C SER B 120 2.55 -1.07 22.71
N PRO B 121 3.66 -1.15 23.47
CA PRO B 121 4.27 -0.04 24.19
C PRO B 121 5.52 0.60 23.50
N LEU B 122 5.61 0.53 22.18
CA LEU B 122 6.80 1.00 21.47
C LEU B 122 6.88 2.52 21.37
N GLN B 123 8.12 3.04 21.45
CA GLN B 123 8.39 4.45 21.22
C GLN B 123 8.18 4.74 19.73
N PRO B 124 7.70 5.96 19.40
CA PRO B 124 7.70 6.41 18.01
C PRO B 124 9.11 6.44 17.43
N ASP B 125 9.22 6.04 16.16
CA ASP B 125 10.48 6.05 15.45
C ASP B 125 10.19 6.37 13.99
N LYS B 126 10.05 7.67 13.70
CA LYS B 126 9.60 8.16 12.40
C LYS B 126 10.30 7.53 11.19
N VAL B 127 11.61 7.36 11.29
CA VAL B 127 12.39 6.69 10.25
C VAL B 127 12.03 5.19 10.16
N VAL B 128 12.11 4.48 11.29
CA VAL B 128 11.80 3.04 11.34
C VAL B 128 10.36 2.76 10.92
N GLU B 129 9.45 3.64 11.30
CA GLU B 129 8.04 3.54 10.91
C GLU B 129 7.84 3.71 9.39
N PHE B 130 8.49 4.72 8.81
CA PHE B 130 8.40 4.98 7.37
C PHE B 130 8.98 3.82 6.58
N LEU B 131 10.06 3.22 7.07
CA LEU B 131 10.67 2.06 6.39
C LEU B 131 9.74 0.85 6.46
N SER B 132 9.16 0.64 7.64
CA SER B 132 8.21 -0.43 7.87
C SER B 132 6.98 -0.32 6.98
N GLY B 133 6.57 0.91 6.69
CA GLY B 133 5.42 1.19 5.84
C GLY B 133 5.72 1.18 4.35
N SER B 134 6.80 1.88 3.97
CA SER B 134 7.20 2.01 2.57
C SER B 134 7.77 0.74 1.98
N TYR B 135 8.80 0.19 2.62
CA TYR B 135 9.53 -0.97 2.09
C TYR B 135 9.32 -2.20 2.95
N ALA B 136 8.07 -2.70 2.89
CA ALA B 136 7.57 -3.76 3.77
C ALA B 136 8.02 -5.16 3.39
N GLY B 137 8.70 -5.29 2.25
CA GLY B 137 9.09 -6.60 1.74
C GLY B 137 10.54 -6.75 1.34
N LEU B 138 11.02 -7.99 1.42
CA LEU B 138 12.34 -8.40 0.94
C LEU B 138 12.26 -9.10 -0.42
N SER B 139 13.28 -8.87 -1.25
CA SER B 139 13.41 -9.51 -2.55
C SER B 139 14.87 -9.83 -2.83
N LEU B 140 15.18 -11.12 -2.95
CA LEU B 140 16.50 -11.60 -3.33
C LEU B 140 16.70 -11.51 -4.85
N SER B 141 17.95 -11.47 -5.27
CA SER B 141 18.33 -11.61 -6.67
C SER B 141 19.33 -12.75 -6.80
N SER B 142 18.95 -13.79 -7.56
CA SER B 142 19.74 -15.02 -7.69
C SER B 142 19.58 -15.70 -9.05
N PRO B 161 26.11 -16.63 -7.49
CA PRO B 161 24.94 -17.32 -6.94
C PRO B 161 23.87 -16.33 -6.46
N PHE B 162 24.17 -15.58 -5.39
CA PHE B 162 23.39 -14.41 -4.95
C PHE B 162 24.01 -13.14 -5.56
N LYS B 163 23.24 -12.06 -5.60
CA LYS B 163 23.75 -10.80 -6.15
C LYS B 163 23.57 -9.65 -5.16
N HIS B 164 22.36 -9.55 -4.60
CA HIS B 164 21.97 -8.53 -3.63
C HIS B 164 20.60 -8.86 -3.03
N VAL B 165 20.19 -8.06 -2.03
CA VAL B 165 18.85 -8.12 -1.46
C VAL B 165 18.19 -6.74 -1.65
N ALA B 166 16.96 -6.75 -2.13
CA ALA B 166 16.20 -5.51 -2.37
C ALA B 166 15.03 -5.34 -1.42
N LEU B 167 15.00 -4.18 -0.76
CA LEU B 167 13.85 -3.78 0.03
C LEU B 167 12.83 -3.23 -0.94
N CYS B 168 11.68 -3.89 -1.01
CA CYS B 168 10.57 -3.47 -1.85
C CYS B 168 9.31 -3.29 -1.01
N SER B 169 8.23 -2.82 -1.63
CA SER B 169 6.95 -2.68 -0.95
C SER B 169 6.22 -4.02 -0.72
N VAL B 170 6.44 -5.00 -1.62
CA VAL B 170 5.94 -6.38 -1.46
C VAL B 170 6.85 -7.40 -2.14
N GLY B 171 6.92 -8.60 -1.56
CA GLY B 171 7.62 -9.73 -2.16
C GLY B 171 6.73 -10.61 -3.02
N ARG B 172 7.25 -11.06 -4.17
CA ARG B 172 6.57 -12.02 -5.04
C ARG B 172 6.64 -13.44 -4.49
N ARG B 173 7.69 -13.75 -3.73
CA ARG B 173 7.75 -14.97 -2.92
C ARG B 173 7.06 -14.68 -1.59
N ARG B 174 6.21 -15.61 -1.14
CA ARG B 174 5.42 -15.39 0.07
C ARG B 174 6.22 -15.58 1.35
N GLY B 175 5.81 -14.86 2.40
CA GLY B 175 6.47 -14.89 3.70
C GLY B 175 7.65 -13.94 3.80
N THR B 176 7.80 -13.07 2.81
CA THR B 176 8.99 -12.22 2.71
C THR B 176 8.80 -10.82 3.35
N LEU B 177 8.13 -10.79 4.50
CA LEU B 177 7.92 -9.55 5.24
C LEU B 177 9.24 -9.00 5.80
N ALA B 178 9.39 -7.67 5.73
CA ALA B 178 10.57 -6.96 6.24
C ALA B 178 10.28 -6.35 7.60
N VAL B 179 11.10 -6.72 8.59
CA VAL B 179 10.94 -6.23 9.95
C VAL B 179 12.10 -5.31 10.32
N TYR B 180 11.78 -4.02 10.55
CA TYR B 180 12.76 -2.96 10.84
C TYR B 180 12.78 -2.58 12.32
N GLY B 181 13.92 -2.04 12.75
CA GLY B 181 14.15 -1.60 14.12
C GLY B 181 15.62 -1.33 14.35
N ARG B 182 15.92 -0.63 15.44
CA ARG B 182 17.27 -0.13 15.72
C ARG B 182 18.26 -1.21 16.19
N ASP B 183 17.80 -2.07 17.08
CA ASP B 183 18.65 -3.07 17.73
C ASP B 183 18.51 -4.41 16.98
N PRO B 184 19.63 -4.93 16.40
CA PRO B 184 19.58 -6.13 15.55
C PRO B 184 19.05 -7.39 16.26
N GLU B 185 19.34 -7.48 17.56
CA GLU B 185 18.86 -8.58 18.40
C GLU B 185 17.35 -8.53 18.50
N TRP B 186 16.83 -7.32 18.71
CA TRP B 186 15.40 -7.06 18.80
C TRP B 186 14.64 -7.49 17.53
N VAL B 187 15.18 -7.14 16.35
CA VAL B 187 14.54 -7.51 15.07
C VAL B 187 14.50 -9.02 14.83
N THR B 188 15.58 -9.71 15.20
CA THR B 188 15.62 -11.18 15.17
C THR B 188 14.56 -11.79 16.10
N GLN B 189 14.31 -11.14 17.23
CA GLN B 189 13.32 -11.59 18.23
C GLN B 189 11.87 -11.40 17.80
N ARG B 190 11.66 -10.73 16.66
CA ARG B 190 10.33 -10.57 16.08
C ARG B 190 9.81 -11.82 15.36
N PHE B 191 10.70 -12.79 15.12
CA PHE B 191 10.35 -14.04 14.46
C PHE B 191 10.45 -15.20 15.46
N PRO B 192 9.28 -15.72 15.91
CA PRO B 192 9.18 -16.75 16.96
C PRO B 192 9.73 -18.11 16.52
N ASP B 193 9.58 -18.42 15.23
CA ASP B 193 10.05 -19.66 14.62
C ASP B 193 11.54 -19.94 14.81
N LEU B 194 12.34 -18.87 14.82
CA LEU B 194 13.80 -18.97 14.98
C LEU B 194 14.16 -19.49 16.36
N THR B 195 15.03 -20.51 16.35
CA THR B 195 15.54 -21.15 17.57
C THR B 195 16.84 -20.45 17.99
N ALA B 196 17.29 -20.69 19.23
CA ALA B 196 18.57 -20.14 19.71
C ALA B 196 19.73 -20.59 18.82
N ALA B 197 19.67 -21.84 18.36
CA ALA B 197 20.67 -22.42 17.44
C ALA B 197 20.77 -21.65 16.11
N ASP B 198 19.60 -21.28 15.56
CA ASP B 198 19.51 -20.43 14.37
C ASP B 198 19.98 -19.00 14.67
N ARG B 199 19.68 -18.55 15.90
CA ARG B 199 19.95 -17.18 16.35
C ARG B 199 21.44 -16.90 16.49
N ASP B 200 22.16 -17.82 17.12
CA ASP B 200 23.62 -17.74 17.30
C ASP B 200 24.37 -17.71 15.96
N GLY B 201 23.86 -18.46 14.98
CA GLY B 201 24.38 -18.46 13.61
C GLY B 201 24.32 -17.07 13.01
N LEU B 202 23.19 -16.39 13.23
CA LEU B 202 23.00 -15.01 12.79
C LEU B 202 23.82 -14.01 13.60
N ARG B 203 23.80 -14.15 14.94
CA ARG B 203 24.55 -13.29 15.88
C ARG B 203 26.08 -13.32 15.68
N ALA B 204 26.61 -14.51 15.32
CA ALA B 204 28.00 -14.69 14.90
C ALA B 204 28.33 -13.81 13.69
N GLN B 205 27.39 -13.74 12.75
CA GLN B 205 27.56 -13.00 11.49
C GLN B 205 27.42 -11.48 11.58
N TRP B 206 26.51 -10.95 12.42
CA TRP B 206 26.41 -9.50 12.52
C TRP B 206 27.49 -8.79 13.38
N GLN B 207 28.35 -9.61 14.02
CA GLN B 207 29.48 -9.10 14.80
C GLN B 207 30.84 -9.53 14.21
N SER B 211 35.37 -6.85 10.97
CA SER B 211 36.73 -6.81 10.44
C SER B 211 36.91 -5.69 9.40
N THR B 212 37.67 -4.65 9.78
CA THR B 212 37.88 -3.47 8.94
C THR B 212 39.24 -2.77 9.20
N ALA B 213 39.73 -2.08 8.17
CA ALA B 213 41.03 -1.39 8.18
C ALA B 213 40.96 0.08 7.71
N VAL B 214 39.74 0.58 7.47
CA VAL B 214 39.53 1.96 7.02
C VAL B 214 38.74 2.80 8.03
N ASP B 215 39.29 4.00 8.27
CA ASP B 215 38.84 5.00 9.25
C ASP B 215 37.43 5.58 9.11
N ALA B 216 36.65 5.08 8.14
CA ALA B 216 35.37 5.71 7.80
C ALA B 216 34.30 4.74 7.31
N SER B 217 33.04 5.14 7.48
CA SER B 217 31.90 4.45 6.91
C SER B 217 31.43 5.21 5.67
N GLY B 218 31.36 4.49 4.54
CA GLY B 218 31.01 5.06 3.24
C GLY B 218 29.55 4.90 2.83
N ASP B 219 29.02 5.96 2.22
CA ASP B 219 27.63 6.01 1.75
C ASP B 219 27.53 5.64 0.26
N PRO B 220 26.85 4.51 -0.06
CA PRO B 220 26.79 4.02 -1.45
C PRO B 220 25.61 4.53 -2.29
N PHE B 221 24.81 5.43 -1.71
CA PHE B 221 23.54 5.86 -2.30
C PHE B 221 23.72 6.90 -3.41
N ARG B 222 23.55 6.44 -4.66
CA ARG B 222 23.69 7.29 -5.85
C ARG B 222 22.35 7.83 -6.33
N SER B 223 21.25 7.24 -5.86
CA SER B 223 19.90 7.70 -6.19
C SER B 223 19.47 8.95 -5.39
N ASP B 224 18.25 9.42 -5.62
CA ASP B 224 17.69 10.57 -4.92
C ASP B 224 16.24 10.34 -4.46
N SER B 225 15.59 11.41 -4.00
CA SER B 225 14.21 11.36 -3.52
C SER B 225 13.21 11.12 -4.65
N TYR B 226 13.56 11.57 -5.86
CA TYR B 226 12.73 11.41 -7.05
C TYR B 226 12.70 9.95 -7.52
N GLY B 227 13.83 9.28 -7.43
CA GLY B 227 13.91 7.86 -7.76
C GLY B 227 12.94 7.07 -6.92
N LEU B 228 12.92 7.41 -5.62
CA LEU B 228 12.01 6.80 -4.65
C LEU B 228 10.53 7.12 -4.95
N LEU B 229 10.26 8.36 -5.37
CA LEU B 229 8.94 8.77 -5.87
C LEU B 229 8.52 7.99 -7.12
N GLY B 230 9.47 7.78 -8.03
CA GLY B 230 9.25 6.91 -9.18
C GLY B 230 8.92 5.51 -8.75
N ASN B 231 9.62 5.04 -7.72
CA ASN B 231 9.39 3.73 -7.10
C ASN B 231 7.98 3.61 -6.56
N SER B 232 7.47 4.69 -5.98
CA SER B 232 6.21 4.69 -5.22
C SER B 232 4.96 4.32 -6.02
N VAL B 233 4.80 4.86 -7.23
CA VAL B 233 3.64 4.51 -8.09
C VAL B 233 3.53 3.03 -8.37
N ASP B 234 4.65 2.40 -8.71
CA ASP B 234 4.70 0.98 -9.06
C ASP B 234 4.16 0.11 -7.92
N ALA B 235 4.41 0.55 -6.69
CA ALA B 235 3.93 -0.10 -5.47
C ALA B 235 2.40 -0.04 -5.37
N LEU B 236 1.84 1.11 -5.74
CA LEU B 236 0.39 1.31 -5.75
C LEU B 236 -0.34 0.35 -6.68
N TYR B 237 0.34 -0.11 -7.73
CA TYR B 237 -0.28 -0.97 -8.75
C TYR B 237 0.22 -2.42 -8.75
N ILE B 238 0.48 -2.92 -7.54
CA ILE B 238 0.63 -4.36 -7.32
C ILE B 238 -0.69 -4.90 -6.77
N ARG B 239 -1.24 -5.90 -7.46
CA ARG B 239 -2.54 -6.51 -7.11
C ARG B 239 -2.57 -7.10 -5.69
N GLU B 240 -3.66 -6.84 -4.98
CA GLU B 240 -3.85 -7.20 -3.55
C GLU B 240 -2.60 -7.26 -2.66
N ARG B 241 -1.91 -6.13 -2.65
CA ARG B 241 -0.64 -5.89 -1.94
C ARG B 241 -0.78 -6.04 -0.44
N LEU B 242 -1.78 -5.36 0.12
CA LEU B 242 -2.07 -5.42 1.56
C LEU B 242 -2.48 -6.80 2.12
N PRO B 243 -3.40 -7.54 1.42
CA PRO B 243 -3.68 -8.93 1.84
C PRO B 243 -2.46 -9.84 1.88
N LYS B 244 -1.55 -9.68 0.92
CA LYS B 244 -0.33 -10.48 0.85
C LYS B 244 0.63 -10.22 2.00
N LEU B 245 0.75 -8.95 2.39
CA LEU B 245 1.55 -8.55 3.54
C LEU B 245 1.01 -9.18 4.83
N ARG B 246 -0.30 -9.11 5.02
CA ARG B 246 -0.98 -9.68 6.19
C ARG B 246 -0.82 -11.20 6.23
N TYR B 247 -0.82 -11.83 5.05
CA TYR B 247 -0.48 -13.25 4.93
C TYR B 247 0.95 -13.48 5.40
N ASP B 248 1.89 -12.70 4.83
CA ASP B 248 3.33 -12.76 5.15
C ASP B 248 3.57 -12.59 6.65
N LYS B 249 2.87 -11.61 7.23
CA LYS B 249 2.98 -11.26 8.66
C LYS B 249 2.64 -12.41 9.62
N GLN B 250 1.56 -13.13 9.33
CA GLN B 250 1.07 -14.17 10.24
C GLN B 250 1.74 -15.53 10.01
N LEU B 251 2.26 -15.75 8.81
CA LEU B 251 3.01 -16.96 8.50
C LEU B 251 4.30 -17.04 9.31
N VAL B 252 5.02 -15.91 9.33
CA VAL B 252 6.35 -15.81 9.96
C VAL B 252 6.27 -15.49 11.46
N GLY B 253 5.06 -15.19 11.92
CA GLY B 253 4.77 -15.05 13.36
C GLY B 253 4.85 -13.65 13.94
N VAL B 254 5.05 -12.67 13.07
CA VAL B 254 5.18 -11.25 13.44
C VAL B 254 3.88 -10.63 14.01
N THR B 255 2.79 -11.36 13.87
CA THR B 255 1.53 -10.90 14.39
C THR B 255 1.48 -11.18 15.87
N GLU B 256 2.20 -12.21 16.30
CA GLU B 256 2.20 -12.60 17.69
C GLU B 256 2.79 -11.53 18.58
N ARG B 257 4.08 -11.32 18.49
CA ARG B 257 4.76 -10.32 19.28
C ARG B 257 4.72 -8.95 18.60
N GLU B 258 4.78 -7.89 19.38
CA GLU B 258 4.72 -6.50 18.89
C GLU B 258 5.88 -6.06 18.01
N SER B 259 5.61 -5.16 17.09
CA SER B 259 6.61 -4.67 16.10
C SER B 259 6.22 -3.33 15.47
N TYR B 260 7.05 -2.82 14.55
CA TYR B 260 6.76 -1.55 13.84
C TYR B 260 5.99 -1.71 12.52
N VAL B 261 5.74 -2.96 12.12
CA VAL B 261 5.03 -3.34 10.88
C VAL B 261 3.68 -2.61 10.80
N LYS B 262 3.45 -1.92 9.68
CA LYS B 262 2.21 -1.17 9.47
C LYS B 262 1.08 -2.02 8.86
N ALA B 263 1.45 -3.15 8.25
CA ALA B 263 0.49 -4.07 7.60
C ALA B 263 -0.37 -4.82 8.59
N THR C 19 4.15 24.01 -20.27
CA THR C 19 2.84 23.39 -20.62
C THR C 19 2.19 22.72 -19.39
N PRO C 20 0.93 23.10 -19.06
CA PRO C 20 0.20 22.54 -17.90
C PRO C 20 -0.54 21.24 -18.19
N VAL C 21 -1.06 20.60 -17.13
CA VAL C 21 -1.89 19.39 -17.24
C VAL C 21 -3.27 19.68 -16.66
N TYR C 22 -4.30 19.19 -17.34
CA TYR C 22 -5.70 19.35 -16.91
C TYR C 22 -6.23 18.06 -16.30
N VAL C 23 -7.07 18.22 -15.27
CA VAL C 23 -7.65 17.10 -14.54
C VAL C 23 -9.17 17.23 -14.49
N GLY C 24 -9.86 16.13 -14.82
CA GLY C 24 -11.32 16.10 -14.75
C GLY C 24 -11.88 14.93 -13.97
N GLY C 25 -12.99 15.17 -13.29
CA GLY C 25 -13.72 14.11 -12.59
C GLY C 25 -14.79 14.61 -11.65
N PHE C 26 -15.55 13.68 -11.08
CA PHE C 26 -16.57 14.01 -10.10
C PHE C 26 -15.99 14.15 -8.71
N LEU C 27 -16.47 15.15 -7.99
CA LEU C 27 -16.09 15.38 -6.60
C LEU C 27 -17.01 14.62 -5.64
N ALA C 28 -18.26 14.46 -6.07
CA ALA C 28 -19.31 13.78 -5.31
C ALA C 28 -20.34 13.27 -6.30
N ARG C 29 -20.88 12.09 -6.05
CA ARG C 29 -21.90 11.51 -6.91
C ARG C 29 -23.27 11.35 -6.25
N TYR C 30 -24.31 11.76 -6.99
CA TYR C 30 -25.69 11.79 -6.47
C TYR C 30 -26.34 10.42 -6.40
N ASP C 31 -25.90 9.50 -7.27
CA ASP C 31 -26.41 8.12 -7.30
C ASP C 31 -25.61 7.18 -6.39
N GLN C 32 -24.69 7.75 -5.61
CA GLN C 32 -23.86 7.00 -4.66
C GLN C 32 -24.08 7.50 -3.23
N SER C 33 -24.52 6.58 -2.37
CA SER C 33 -24.72 6.86 -0.95
C SER C 33 -23.51 6.41 -0.17
N PRO C 34 -22.78 7.35 0.46
CA PRO C 34 -21.61 6.98 1.26
C PRO C 34 -22.04 6.28 2.54
N ASP C 35 -21.37 5.18 2.88
CA ASP C 35 -21.72 4.47 4.13
C ASP C 35 -21.31 5.25 5.39
N GLU C 36 -20.40 6.20 5.23
CA GLU C 36 -20.04 7.16 6.26
C GLU C 36 -20.90 8.42 6.08
N ALA C 37 -21.92 8.54 6.93
CA ALA C 37 -23.03 9.50 6.79
C ALA C 37 -22.62 10.93 6.43
N GLU C 38 -21.66 11.48 7.18
CA GLU C 38 -21.12 12.84 7.03
C GLU C 38 -20.76 13.29 5.60
N LEU C 39 -20.58 12.31 4.70
CA LEU C 39 -20.09 12.57 3.34
C LEU C 39 -21.17 12.88 2.31
N LEU C 40 -22.42 13.00 2.79
CA LEU C 40 -23.58 13.25 1.93
C LEU C 40 -23.58 14.68 1.35
N LEU C 41 -23.44 14.76 0.03
CA LEU C 41 -23.64 16.00 -0.73
C LEU C 41 -24.63 15.74 -1.88
N PRO C 42 -25.93 16.07 -1.67
CA PRO C 42 -26.97 15.94 -2.70
C PRO C 42 -27.13 17.20 -3.57
N ARG C 43 -27.76 17.04 -4.73
CA ARG C 43 -27.84 18.09 -5.76
C ARG C 43 -28.44 19.43 -5.32
N ASP C 44 -29.39 19.36 -4.41
CA ASP C 44 -30.10 20.54 -3.88
C ASP C 44 -29.24 21.46 -3.04
N VAL C 45 -28.13 20.93 -2.52
CA VAL C 45 -27.18 21.70 -1.70
C VAL C 45 -25.98 22.14 -2.55
N VAL C 46 -25.61 21.30 -3.52
CA VAL C 46 -24.54 21.59 -4.50
C VAL C 46 -24.93 22.77 -5.40
N GLU C 47 -26.15 22.71 -5.96
CA GLU C 47 -26.72 23.79 -6.77
C GLU C 47 -27.00 25.05 -5.96
N HIS C 48 -27.40 24.89 -4.70
CA HIS C 48 -27.58 26.00 -3.76
C HIS C 48 -26.27 26.71 -3.46
N TRP C 49 -25.18 25.93 -3.37
CA TRP C 49 -23.84 26.46 -3.16
C TRP C 49 -23.27 27.17 -4.40
N LEU C 50 -23.62 26.68 -5.58
CA LEU C 50 -23.29 27.35 -6.85
C LEU C 50 -24.15 28.61 -7.09
N HIS C 51 -24.21 29.46 -6.06
CA HIS C 51 -24.93 30.74 -6.07
C HIS C 51 -24.26 31.73 -5.11
N ALA C 52 -23.24 31.27 -4.40
CA ALA C 52 -22.43 32.11 -3.49
C ALA C 52 -21.02 32.38 -4.04
N VAL C 62 -9.97 34.10 -7.20
CA VAL C 62 -11.37 33.85 -6.84
C VAL C 62 -11.74 32.36 -6.92
N ALA C 63 -11.17 31.66 -7.90
CA ALA C 63 -11.38 30.22 -8.13
C ALA C 63 -10.76 29.36 -7.03
N LEU C 64 -11.18 28.09 -6.95
CA LEU C 64 -10.68 27.15 -5.93
C LEU C 64 -9.24 26.73 -6.21
N PRO C 65 -8.39 26.73 -5.16
CA PRO C 65 -7.06 26.14 -5.28
C PRO C 65 -7.07 24.61 -5.44
N LEU C 66 -6.19 24.11 -6.29
CA LEU C 66 -5.98 22.67 -6.44
C LEU C 66 -4.73 22.35 -5.66
N ASN C 67 -4.81 21.35 -4.79
CA ASN C 67 -3.64 20.89 -4.04
C ASN C 67 -3.45 19.37 -4.02
N ILE C 68 -2.35 18.94 -3.39
CA ILE C 68 -2.11 17.54 -3.10
C ILE C 68 -2.44 17.27 -1.64
N ASN C 69 -3.35 16.33 -1.41
CA ASN C 69 -3.67 15.76 -0.09
C ASN C 69 -4.06 16.75 1.02
N HIS C 70 -4.73 17.84 0.63
CA HIS C 70 -5.23 18.90 1.55
C HIS C 70 -4.14 19.65 2.32
N ASP C 71 -2.89 19.39 1.94
CA ASP C 71 -1.74 20.12 2.47
C ASP C 71 -1.70 21.45 1.72
N ASP C 72 -1.99 22.54 2.45
CA ASP C 72 -2.10 23.87 1.83
C ASP C 72 -0.76 24.47 1.37
N THR C 73 0.32 23.71 1.57
CA THR C 73 1.64 24.03 1.01
C THR C 73 1.88 23.30 -0.32
N ALA C 74 0.96 22.40 -0.67
CA ALA C 74 1.08 21.58 -1.88
C ALA C 74 0.11 21.99 -3.00
N VAL C 75 -0.08 23.32 -3.14
CA VAL C 75 -0.94 23.90 -4.18
C VAL C 75 -0.32 23.72 -5.58
N VAL C 76 -0.96 22.90 -6.41
CA VAL C 76 -0.44 22.55 -7.74
C VAL C 76 -1.06 23.36 -8.88
N GLY C 77 -2.05 24.17 -8.55
CA GLY C 77 -2.80 24.94 -9.53
C GLY C 77 -4.16 25.35 -8.98
N HIS C 78 -5.19 25.23 -9.82
CA HIS C 78 -6.52 25.74 -9.51
C HIS C 78 -7.63 25.03 -10.31
N VAL C 79 -8.84 25.03 -9.74
CA VAL C 79 -10.04 24.49 -10.40
C VAL C 79 -10.68 25.58 -11.25
N ALA C 80 -10.80 25.29 -12.55
CA ALA C 80 -11.44 26.21 -13.49
C ALA C 80 -12.96 26.06 -13.44
N ALA C 81 -13.44 24.87 -13.82
CA ALA C 81 -14.86 24.60 -13.96
C ALA C 81 -15.42 23.70 -12.87
N MET C 82 -16.55 24.11 -12.31
CA MET C 82 -17.38 23.27 -11.44
C MET C 82 -18.83 23.33 -11.92
N GLN C 83 -19.41 22.16 -12.19
CA GLN C 83 -20.77 22.07 -12.71
C GLN C 83 -21.52 20.83 -12.22
N SER C 84 -22.71 21.05 -11.67
CA SER C 84 -23.67 19.99 -11.37
C SER C 84 -24.24 19.41 -12.66
N VAL C 85 -24.27 18.08 -12.76
CA VAL C 85 -24.91 17.38 -13.88
C VAL C 85 -25.98 16.39 -13.38
N ARG C 86 -26.51 15.56 -14.29
CA ARG C 86 -27.46 14.49 -13.96
C ARG C 86 -26.99 13.62 -12.80
N ASP C 87 -25.75 13.13 -12.89
CA ASP C 87 -25.23 12.10 -11.97
C ASP C 87 -24.32 12.59 -10.83
N GLY C 88 -23.81 13.82 -10.94
CA GLY C 88 -22.96 14.37 -9.88
C GLY C 88 -22.38 15.75 -10.11
N LEU C 89 -21.83 16.33 -9.04
CA LEU C 89 -21.00 17.52 -9.14
C LEU C 89 -19.69 17.15 -9.84
N PHE C 90 -19.44 17.82 -10.97
CA PHE C 90 -18.26 17.56 -11.81
C PHE C 90 -17.31 18.75 -11.86
N CYS C 91 -16.01 18.48 -11.69
CA CYS C 91 -15.02 19.54 -11.79
C CYS C 91 -13.84 19.25 -12.71
N LEU C 92 -13.41 20.33 -13.37
CA LEU C 92 -12.25 20.37 -14.24
C LEU C 92 -11.21 21.33 -13.65
N GLY C 93 -10.03 20.79 -13.37
CA GLY C 93 -8.95 21.52 -12.73
C GLY C 93 -7.71 21.61 -13.58
N CYS C 94 -6.84 22.55 -13.22
CA CYS C 94 -5.65 22.86 -13.98
C CYS C 94 -4.39 22.88 -13.11
N VAL C 95 -3.42 22.04 -13.47
CA VAL C 95 -2.14 21.94 -12.76
C VAL C 95 -1.12 22.90 -13.41
N THR C 96 -1.06 24.12 -12.88
CA THR C 96 -0.19 25.16 -13.41
C THR C 96 0.95 25.51 -12.45
N SER C 97 1.75 24.50 -12.12
CA SER C 97 2.90 24.69 -11.25
C SER C 97 4.10 23.90 -11.77
N PRO C 98 5.00 24.57 -12.54
CA PRO C 98 6.26 23.99 -13.04
C PRO C 98 7.17 23.39 -11.97
N ARG C 99 7.10 23.92 -10.74
CA ARG C 99 7.84 23.38 -9.60
C ARG C 99 7.41 21.94 -9.32
N PHE C 100 6.12 21.76 -9.04
CA PHE C 100 5.48 20.46 -8.90
C PHE C 100 5.61 19.60 -10.17
N LEU C 101 5.40 20.22 -11.33
CA LEU C 101 5.49 19.53 -12.61
C LEU C 101 6.89 19.01 -12.90
N GLU C 102 7.90 19.74 -12.42
CA GLU C 102 9.29 19.29 -12.49
C GLU C 102 9.50 18.01 -11.68
N ILE C 103 9.00 18.02 -10.43
CA ILE C 103 9.11 16.86 -9.53
C ILE C 103 8.52 15.62 -10.19
N VAL C 104 7.31 15.79 -10.75
CA VAL C 104 6.57 14.71 -11.44
C VAL C 104 7.35 14.23 -12.66
N ARG C 105 7.92 15.20 -13.39
CA ARG C 105 8.77 14.95 -14.56
C ARG C 105 9.97 14.05 -14.21
N ARG C 106 10.64 14.36 -13.09
CA ARG C 106 11.79 13.59 -12.61
C ARG C 106 11.39 12.18 -12.16
N ALA C 107 10.33 12.09 -11.36
CA ALA C 107 9.84 10.83 -10.80
C ALA C 107 9.42 9.82 -11.88
N SER C 108 8.65 10.30 -12.86
CA SER C 108 8.16 9.50 -14.00
C SER C 108 9.26 8.82 -14.79
N GLU C 109 10.41 9.51 -14.87
CA GLU C 109 11.60 8.99 -15.53
C GLU C 109 12.17 7.79 -14.76
N LYS C 110 11.88 7.70 -13.45
CA LYS C 110 12.31 6.58 -12.60
C LYS C 110 11.19 5.60 -12.13
N SER C 111 10.07 5.59 -12.85
CA SER C 111 8.98 4.62 -12.64
C SER C 111 8.97 3.52 -13.69
N GLU C 112 8.63 2.30 -13.25
CA GLU C 112 8.54 1.16 -14.16
C GLU C 112 7.22 1.14 -14.96
N LEU C 113 6.12 1.57 -14.32
CA LEU C 113 4.79 1.60 -14.94
C LEU C 113 4.70 2.64 -16.04
N VAL C 114 5.24 3.83 -15.78
CA VAL C 114 5.30 4.92 -16.75
C VAL C 114 6.19 4.53 -17.95
N SER C 115 7.25 3.77 -17.67
CA SER C 115 8.16 3.23 -18.69
C SER C 115 7.45 2.27 -19.66
N ARG C 116 6.49 1.51 -19.15
CA ARG C 116 5.71 0.56 -19.96
C ARG C 116 4.66 1.24 -20.84
N GLY C 117 4.45 2.54 -20.60
CA GLY C 117 3.61 3.39 -21.45
C GLY C 117 2.12 3.24 -21.29
N PRO C 118 1.34 4.06 -22.02
CA PRO C 118 -0.11 4.12 -22.11
C PRO C 118 -0.66 2.98 -22.99
N VAL C 119 -1.98 2.80 -22.99
CA VAL C 119 -2.66 1.83 -23.88
C VAL C 119 -2.59 2.30 -25.34
N SER C 120 -2.56 1.33 -26.26
CA SER C 120 -2.52 1.60 -27.71
C SER C 120 -3.81 2.25 -28.20
N PRO C 121 -3.72 3.36 -28.94
CA PRO C 121 -2.44 3.94 -29.36
C PRO C 121 -2.28 5.39 -28.92
N LEU C 122 -2.34 5.61 -27.61
CA LEU C 122 -2.08 6.92 -27.03
C LEU C 122 -0.58 7.22 -27.07
N GLN C 123 -0.23 8.50 -27.24
CA GLN C 123 1.16 8.94 -27.20
C GLN C 123 1.70 8.80 -25.78
N PRO C 124 2.87 8.13 -25.62
CA PRO C 124 3.53 8.12 -24.31
C PRO C 124 3.88 9.52 -23.83
N ASP C 125 3.02 10.04 -22.94
CA ASP C 125 3.36 11.17 -22.08
C ASP C 125 3.92 10.52 -20.82
N LYS C 126 4.72 11.26 -20.05
CA LYS C 126 5.28 10.72 -18.80
C LYS C 126 4.71 11.38 -17.56
N VAL C 127 4.64 12.71 -17.57
CA VAL C 127 4.05 13.52 -16.49
C VAL C 127 2.56 13.18 -16.30
N VAL C 128 1.82 13.12 -17.41
CA VAL C 128 0.40 12.77 -17.40
C VAL C 128 0.21 11.34 -16.89
N GLU C 129 1.04 10.41 -17.38
CA GLU C 129 1.02 9.04 -16.90
C GLU C 129 1.30 8.92 -15.40
N PHE C 130 2.33 9.60 -14.90
CA PHE C 130 2.68 9.56 -13.47
C PHE C 130 1.55 10.09 -12.60
N LEU C 131 0.99 11.24 -12.97
CA LEU C 131 -0.13 11.86 -12.25
C LEU C 131 -1.39 10.97 -12.23
N SER C 132 -1.66 10.28 -13.33
CA SER C 132 -2.81 9.40 -13.44
C SER C 132 -2.63 8.11 -12.63
N GLY C 133 -1.40 7.83 -12.23
CA GLY C 133 -1.09 6.71 -11.35
C GLY C 133 -1.01 7.11 -9.88
N SER C 134 -0.34 8.23 -9.62
CA SER C 134 -0.06 8.69 -8.26
C SER C 134 -1.22 9.43 -7.60
N TYR C 135 -2.00 10.14 -8.41
CA TYR C 135 -3.10 10.97 -7.88
C TYR C 135 -4.40 10.69 -8.63
N ALA C 136 -4.81 9.43 -8.61
CA ALA C 136 -5.91 8.91 -9.41
C ALA C 136 -7.33 9.18 -8.86
N GLY C 137 -7.45 10.14 -7.94
CA GLY C 137 -8.72 10.47 -7.31
C GLY C 137 -8.84 11.90 -6.82
N LEU C 138 -10.08 12.41 -6.82
CA LEU C 138 -10.41 13.74 -6.30
C LEU C 138 -10.98 13.69 -4.89
N SER C 139 -10.78 14.77 -4.14
CA SER C 139 -11.35 14.92 -2.80
C SER C 139 -11.66 16.40 -2.57
N LEU C 140 -12.95 16.69 -2.41
CA LEU C 140 -13.45 18.05 -2.15
C LEU C 140 -13.22 18.47 -0.68
N SER C 141 -13.44 19.75 -0.38
CA SER C 141 -13.52 20.25 1.01
C SER C 141 -14.79 21.12 1.16
N SER C 142 -15.57 20.87 2.21
CA SER C 142 -16.93 21.45 2.35
C SER C 142 -17.32 21.78 3.80
N PRO C 161 -19.09 27.95 1.54
CA PRO C 161 -18.94 27.52 0.16
C PRO C 161 -18.08 26.25 0.07
N PHE C 162 -17.38 26.07 -1.05
CA PHE C 162 -16.33 25.05 -1.19
C PHE C 162 -14.97 25.69 -0.94
N LYS C 163 -14.15 25.08 -0.08
CA LYS C 163 -12.81 25.59 0.25
C LYS C 163 -11.79 25.34 -0.86
N HIS C 164 -11.51 24.06 -1.13
CA HIS C 164 -10.59 23.65 -2.20
C HIS C 164 -10.91 22.25 -2.74
N VAL C 165 -10.13 21.80 -3.72
CA VAL C 165 -10.20 20.43 -4.26
C VAL C 165 -8.80 19.80 -4.21
N ALA C 166 -8.74 18.54 -3.78
CA ALA C 166 -7.48 17.85 -3.56
C ALA C 166 -7.29 16.64 -4.47
N LEU C 167 -6.09 16.53 -5.02
CA LEU C 167 -5.65 15.31 -5.69
C LEU C 167 -5.10 14.35 -4.64
N CYS C 168 -5.25 13.06 -4.91
CA CYS C 168 -4.90 11.97 -3.98
C CYS C 168 -5.02 10.64 -4.70
N SER C 169 -4.48 9.58 -4.09
CA SER C 169 -4.47 8.24 -4.70
C SER C 169 -5.84 7.64 -4.96
N VAL C 170 -6.81 8.00 -4.11
CA VAL C 170 -8.21 7.53 -4.16
C VAL C 170 -9.09 8.55 -3.45
N GLY C 171 -10.36 8.65 -3.85
CA GLY C 171 -11.33 9.46 -3.11
C GLY C 171 -12.05 8.57 -2.12
N ARG C 172 -12.52 9.16 -1.01
CA ARG C 172 -13.36 8.43 -0.04
C ARG C 172 -14.80 8.31 -0.51
N ARG C 173 -15.32 9.38 -1.13
CA ARG C 173 -16.57 9.34 -1.93
C ARG C 173 -16.34 8.51 -3.18
N ARG C 174 -17.38 7.84 -3.68
CA ARG C 174 -17.22 6.98 -4.86
C ARG C 174 -17.55 7.68 -6.17
N GLY C 175 -16.88 7.25 -7.23
CA GLY C 175 -16.97 7.89 -8.55
C GLY C 175 -16.11 9.12 -8.67
N THR C 176 -15.10 9.24 -7.81
CA THR C 176 -14.26 10.43 -7.79
C THR C 176 -12.96 10.27 -8.57
N LEU C 177 -13.01 9.47 -9.63
CA LEU C 177 -11.85 9.22 -10.49
C LEU C 177 -11.27 10.48 -11.14
N ALA C 178 -9.98 10.72 -10.87
CA ALA C 178 -9.22 11.81 -11.50
C ALA C 178 -8.67 11.34 -12.82
N VAL C 179 -9.01 12.06 -13.88
CA VAL C 179 -8.58 11.76 -15.24
C VAL C 179 -7.76 12.94 -15.76
N TYR C 180 -6.53 12.65 -16.17
CA TYR C 180 -5.56 13.66 -16.60
C TYR C 180 -5.36 13.70 -18.11
N GLY C 181 -5.16 14.91 -18.63
CA GLY C 181 -4.83 15.13 -20.05
C GLY C 181 -4.42 16.55 -20.32
N ARG C 182 -3.88 16.79 -21.52
CA ARG C 182 -3.32 18.11 -21.88
C ARG C 182 -4.37 19.17 -22.24
N ASP C 183 -5.32 18.81 -23.10
CA ASP C 183 -6.43 19.69 -23.50
C ASP C 183 -7.72 19.36 -22.73
N PRO C 184 -8.42 20.39 -22.17
CA PRO C 184 -9.66 20.19 -21.41
C PRO C 184 -10.76 19.48 -22.22
N GLU C 185 -11.02 19.98 -23.44
CA GLU C 185 -11.96 19.35 -24.38
C GLU C 185 -11.78 17.84 -24.50
N TRP C 186 -10.54 17.38 -24.33
CA TRP C 186 -10.23 15.97 -24.40
C TRP C 186 -10.64 15.21 -23.13
N VAL C 187 -10.27 15.73 -21.96
CA VAL C 187 -10.53 15.04 -20.67
C VAL C 187 -12.03 14.87 -20.40
N THR C 188 -12.79 15.91 -20.74
CA THR C 188 -14.24 15.96 -20.60
C THR C 188 -14.90 14.88 -21.44
N GLN C 189 -14.34 14.67 -22.64
CA GLN C 189 -14.82 13.65 -23.57
C GLN C 189 -14.43 12.22 -23.16
N ARG C 190 -13.81 12.04 -21.98
CA ARG C 190 -13.54 10.68 -21.49
C ARG C 190 -14.76 10.12 -20.79
N PHE C 191 -15.57 11.03 -20.23
CA PHE C 191 -16.82 10.70 -19.51
C PHE C 191 -18.01 10.77 -20.48
N PRO C 192 -18.56 9.60 -20.90
CA PRO C 192 -19.70 9.61 -21.82
C PRO C 192 -21.00 10.09 -21.17
N ASP C 193 -21.11 9.88 -19.85
CA ASP C 193 -22.26 10.29 -19.04
C ASP C 193 -22.58 11.79 -19.14
N LEU C 194 -21.55 12.62 -19.27
CA LEU C 194 -21.69 14.06 -19.52
C LEU C 194 -22.34 14.32 -20.87
N THR C 195 -23.28 15.27 -20.88
CA THR C 195 -24.01 15.65 -22.10
C THR C 195 -23.39 16.87 -22.77
N ALA C 196 -23.73 17.08 -24.05
CA ALA C 196 -23.30 18.26 -24.82
C ALA C 196 -23.78 19.58 -24.21
N ALA C 197 -24.95 19.55 -23.57
CA ALA C 197 -25.49 20.69 -22.82
C ALA C 197 -24.70 20.97 -21.53
N ASP C 198 -24.26 19.89 -20.87
CA ASP C 198 -23.47 19.97 -19.62
C ASP C 198 -22.05 20.52 -19.84
N ARG C 199 -21.43 20.12 -20.95
CA ARG C 199 -20.08 20.58 -21.35
C ARG C 199 -20.00 22.10 -21.52
N ASP C 200 -21.04 22.68 -22.12
CA ASP C 200 -21.13 24.12 -22.38
C ASP C 200 -20.97 24.92 -21.10
N GLY C 201 -21.57 24.42 -20.01
CA GLY C 201 -21.45 25.01 -18.68
C GLY C 201 -20.03 25.00 -18.15
N LEU C 202 -19.33 23.90 -18.40
CA LEU C 202 -17.92 23.74 -18.04
C LEU C 202 -17.02 24.66 -18.88
N ARG C 203 -17.19 24.61 -20.21
CA ARG C 203 -16.42 25.41 -21.18
C ARG C 203 -16.48 26.91 -20.92
N ALA C 204 -17.64 27.37 -20.44
CA ALA C 204 -17.87 28.75 -20.02
C ALA C 204 -17.05 29.15 -18.79
N GLN C 205 -16.49 28.15 -18.10
CA GLN C 205 -15.65 28.39 -16.92
C GLN C 205 -14.15 28.16 -17.17
N TRP C 206 -13.80 27.37 -18.18
CA TRP C 206 -12.37 27.20 -18.54
C TRP C 206 -11.87 28.00 -19.76
N GLN C 207 -12.70 28.91 -20.26
CA GLN C 207 -12.31 29.86 -21.30
C GLN C 207 -12.71 31.29 -20.92
N GLY C 218 2.68 33.65 -9.62
CA GLY C 218 3.47 32.87 -10.58
C GLY C 218 3.41 31.37 -10.34
N ASP C 219 3.93 30.94 -9.19
CA ASP C 219 3.96 29.54 -8.79
C ASP C 219 3.63 29.44 -7.29
N PRO C 220 2.55 28.73 -6.93
CA PRO C 220 2.05 28.70 -5.55
C PRO C 220 2.55 27.52 -4.68
N PHE C 221 3.32 26.61 -5.28
CA PHE C 221 3.83 25.43 -4.58
C PHE C 221 4.89 25.78 -3.53
N ARG C 222 4.53 25.60 -2.27
CA ARG C 222 5.44 25.86 -1.14
C ARG C 222 5.92 24.55 -0.44
N SER C 223 6.13 23.50 -1.24
CA SER C 223 6.54 22.17 -0.76
C SER C 223 7.66 21.58 -1.65
N ASP C 224 7.88 20.26 -1.55
CA ASP C 224 9.03 19.57 -2.13
C ASP C 224 8.72 18.09 -2.39
N SER C 225 9.67 17.39 -3.04
CA SER C 225 9.54 15.94 -3.31
C SER C 225 9.47 15.08 -2.04
N TYR C 226 10.04 15.60 -0.94
CA TYR C 226 10.01 14.91 0.35
C TYR C 226 8.58 14.74 0.86
N GLY C 227 7.78 15.81 0.75
CA GLY C 227 6.36 15.79 1.08
C GLY C 227 5.57 14.79 0.26
N LEU C 228 5.83 14.79 -1.04
CA LEU C 228 5.21 13.85 -1.96
C LEU C 228 5.54 12.39 -1.65
N LEU C 229 6.81 12.12 -1.30
CA LEU C 229 7.22 10.82 -0.74
C LEU C 229 6.52 10.49 0.58
N GLY C 230 6.34 11.51 1.43
CA GLY C 230 5.70 11.35 2.72
C GLY C 230 4.24 10.97 2.56
N ASN C 231 3.61 11.57 1.55
CA ASN C 231 2.22 11.29 1.22
C ASN C 231 2.04 9.87 0.68
N SER C 232 3.10 9.31 0.10
CA SER C 232 3.03 8.04 -0.63
C SER C 232 2.84 6.79 0.25
N VAL C 233 3.29 6.84 1.51
CA VAL C 233 3.06 5.71 2.42
C VAL C 233 1.61 5.63 2.90
N ASP C 234 0.99 6.79 3.13
CA ASP C 234 -0.42 6.87 3.49
C ASP C 234 -1.25 6.17 2.41
N ALA C 235 -0.98 6.53 1.15
CA ALA C 235 -1.63 5.98 -0.02
C ALA C 235 -1.50 4.46 -0.11
N LEU C 236 -0.39 3.94 0.38
CA LEU C 236 -0.16 2.50 0.41
C LEU C 236 -1.11 1.79 1.39
N TYR C 237 -1.47 2.46 2.49
CA TYR C 237 -2.23 1.82 3.56
C TYR C 237 -3.72 2.17 3.62
N ILE C 238 -4.26 2.57 2.48
CA ILE C 238 -5.70 2.62 2.25
C ILE C 238 -6.10 1.24 1.71
N ARG C 239 -6.97 0.57 2.47
CA ARG C 239 -7.43 -0.78 2.14
C ARG C 239 -8.25 -0.75 0.87
N GLU C 240 -8.02 -1.75 0.00
CA GLU C 240 -8.82 -1.99 -1.21
C GLU C 240 -8.86 -0.80 -2.23
N ARG C 241 -7.71 -0.14 -2.45
CA ARG C 241 -7.66 1.05 -3.33
C ARG C 241 -7.89 0.76 -4.81
N LEU C 242 -7.38 -0.36 -5.27
CA LEU C 242 -7.50 -0.75 -6.67
C LEU C 242 -8.95 -1.15 -7.07
N PRO C 243 -9.63 -1.99 -6.24
CA PRO C 243 -11.05 -2.20 -6.51
C PRO C 243 -11.90 -0.92 -6.36
N LYS C 244 -11.49 0.00 -5.49
CA LYS C 244 -12.17 1.30 -5.33
C LYS C 244 -12.06 2.15 -6.57
N LEU C 245 -10.89 2.07 -7.22
CA LEU C 245 -10.58 2.87 -8.39
C LEU C 245 -11.18 2.25 -9.65
N ARG C 246 -11.25 0.92 -9.68
CA ARG C 246 -11.88 0.19 -10.80
C ARG C 246 -13.39 0.32 -10.82
N TYR C 247 -13.99 0.39 -9.63
CA TYR C 247 -15.41 0.66 -9.44
C TYR C 247 -15.75 2.06 -9.96
N ASP C 248 -14.87 3.03 -9.72
CA ASP C 248 -15.02 4.39 -10.22
C ASP C 248 -14.88 4.44 -11.75
N LYS C 249 -13.96 3.65 -12.27
CA LYS C 249 -13.64 3.60 -13.71
C LYS C 249 -14.88 3.21 -14.54
N GLN C 250 -15.56 2.15 -14.10
CA GLN C 250 -16.81 1.68 -14.71
C GLN C 250 -17.96 2.67 -14.50
N LEU C 251 -18.12 3.17 -13.26
CA LEU C 251 -19.24 4.02 -12.88
C LEU C 251 -19.38 5.31 -13.70
N VAL C 252 -18.27 6.00 -13.94
CA VAL C 252 -18.28 7.27 -14.69
C VAL C 252 -18.03 7.08 -16.19
N GLY C 253 -17.80 5.82 -16.57
CA GLY C 253 -17.76 5.40 -17.97
C GLY C 253 -16.42 5.57 -18.65
N VAL C 254 -15.39 5.88 -17.86
CA VAL C 254 -14.01 6.02 -18.35
C VAL C 254 -13.47 4.64 -18.80
N THR C 255 -14.19 3.60 -18.44
CA THR C 255 -13.80 2.27 -18.84
C THR C 255 -14.22 2.01 -20.28
N GLU C 256 -14.77 3.01 -20.93
CA GLU C 256 -15.22 2.87 -22.29
C GLU C 256 -14.30 3.64 -23.19
N ARG C 257 -14.24 4.95 -22.99
CA ARG C 257 -13.38 5.80 -23.79
C ARG C 257 -11.92 5.56 -23.43
N GLU C 258 -11.00 5.85 -24.36
CA GLU C 258 -9.58 5.65 -24.10
C GLU C 258 -9.07 6.53 -22.99
N SER C 259 -8.06 6.05 -22.29
CA SER C 259 -7.56 6.78 -21.14
C SER C 259 -6.12 6.60 -20.71
N TYR C 260 -5.67 7.58 -19.95
CA TYR C 260 -4.36 7.50 -19.30
C TYR C 260 -4.43 6.85 -17.91
N VAL C 261 -5.62 6.41 -17.52
CA VAL C 261 -5.90 5.77 -16.23
C VAL C 261 -5.18 4.42 -16.13
N LYS C 262 -4.55 4.17 -14.98
CA LYS C 262 -3.73 2.97 -14.76
C LYS C 262 -4.44 1.82 -14.04
N ALA C 263 -5.68 2.07 -13.62
CA ALA C 263 -6.51 1.05 -12.95
C ALA C 263 -7.25 0.18 -13.96
N THR D 19 4.34 -4.43 -38.09
CA THR D 19 3.05 -5.06 -37.65
C THR D 19 1.91 -4.81 -38.63
N PRO D 20 1.03 -5.83 -38.86
CA PRO D 20 -0.19 -5.70 -39.68
C PRO D 20 -1.18 -4.61 -39.21
N VAL D 21 -1.93 -4.04 -40.15
CA VAL D 21 -2.84 -2.90 -39.89
C VAL D 21 -4.30 -3.27 -40.19
N TYR D 22 -5.21 -2.79 -39.34
CA TYR D 22 -6.65 -3.04 -39.48
C TYR D 22 -7.39 -1.83 -40.04
N VAL D 23 -8.47 -2.10 -40.76
CA VAL D 23 -9.36 -1.06 -41.32
C VAL D 23 -10.83 -1.40 -41.02
N GLY D 24 -11.61 -0.38 -40.65
CA GLY D 24 -13.03 -0.54 -40.34
C GLY D 24 -13.89 0.56 -40.93
N GLY D 25 -15.06 0.16 -41.42
CA GLY D 25 -16.04 1.08 -42.02
C GLY D 25 -17.23 0.36 -42.63
N PHE D 26 -18.25 1.15 -42.98
CA PHE D 26 -19.44 0.63 -43.67
C PHE D 26 -19.15 0.32 -45.14
N LEU D 27 -19.84 -0.68 -45.68
CA LEU D 27 -19.77 -1.01 -47.12
C LEU D 27 -21.01 -0.55 -47.88
N ALA D 28 -22.13 -0.48 -47.16
CA ALA D 28 -23.40 0.01 -47.70
C ALA D 28 -24.21 0.66 -46.58
N ARG D 29 -24.53 1.93 -46.76
CA ARG D 29 -25.32 2.68 -45.78
C ARG D 29 -26.80 2.75 -46.17
N TYR D 30 -27.63 1.99 -45.43
CA TYR D 30 -29.08 1.94 -45.62
C TYR D 30 -29.80 3.26 -45.27
N ASP D 31 -29.07 4.15 -44.60
CA ASP D 31 -29.55 5.50 -44.22
C ASP D 31 -29.80 6.40 -45.44
N ASP D 44 -31.01 -3.90 -47.68
CA ASP D 44 -31.35 -4.92 -46.70
C ASP D 44 -31.31 -6.35 -47.29
N VAL D 45 -31.12 -6.42 -48.61
CA VAL D 45 -31.00 -7.69 -49.36
C VAL D 45 -29.75 -8.46 -48.93
N VAL D 46 -28.67 -7.72 -48.66
CA VAL D 46 -27.36 -8.26 -48.25
C VAL D 46 -27.38 -8.98 -46.89
N GLU D 47 -28.30 -8.58 -46.01
CA GLU D 47 -28.54 -9.26 -44.73
C GLU D 47 -29.10 -10.67 -44.97
N HIS D 48 -29.98 -10.79 -45.96
CA HIS D 48 -30.51 -12.08 -46.40
C HIS D 48 -29.51 -12.84 -47.28
N TRP D 49 -28.71 -12.10 -48.06
CA TRP D 49 -27.71 -12.67 -48.98
C TRP D 49 -26.50 -13.28 -48.25
N LEU D 50 -26.20 -12.79 -47.04
CA LEU D 50 -25.12 -13.32 -46.21
C LEU D 50 -25.47 -14.70 -45.67
N HIS D 51 -24.86 -15.73 -46.27
CA HIS D 51 -25.16 -17.13 -45.97
C HIS D 51 -23.89 -17.98 -45.94
N ALA D 52 -23.89 -18.99 -45.06
CA ALA D 52 -22.77 -19.92 -44.89
C ALA D 52 -23.17 -21.34 -45.26
N LEU D 64 -12.26 -14.69 -49.03
CA LEU D 64 -12.49 -13.24 -49.06
C LEU D 64 -11.17 -12.46 -49.20
N PRO D 65 -10.69 -12.26 -50.45
CA PRO D 65 -9.50 -11.43 -50.66
C PRO D 65 -9.83 -9.93 -50.72
N LEU D 66 -8.88 -9.10 -50.30
CA LEU D 66 -9.01 -7.63 -50.29
C LEU D 66 -7.88 -6.99 -51.09
N ASN D 67 -8.23 -6.05 -51.97
CA ASN D 67 -7.26 -5.42 -52.88
C ASN D 67 -7.26 -3.89 -52.83
N ILE D 68 -6.32 -3.28 -53.56
CA ILE D 68 -6.27 -1.83 -53.75
C ILE D 68 -6.87 -1.45 -55.11
N ASN D 69 -7.90 -0.61 -55.08
CA ASN D 69 -8.60 -0.07 -56.26
C ASN D 69 -9.18 -1.11 -57.24
N HIS D 70 -9.81 -2.14 -56.70
CA HIS D 70 -10.43 -3.25 -57.46
C HIS D 70 -9.49 -4.00 -58.43
N ASP D 71 -8.20 -4.01 -58.11
CA ASP D 71 -7.19 -4.66 -58.94
C ASP D 71 -6.94 -6.10 -58.46
N ASP D 72 -7.75 -7.03 -58.97
CA ASP D 72 -7.65 -8.45 -58.59
C ASP D 72 -6.45 -9.18 -59.21
N THR D 73 -5.27 -8.61 -58.97
CA THR D 73 -3.98 -9.24 -59.23
C THR D 73 -3.12 -8.99 -57.99
N ALA D 74 -3.19 -7.76 -57.48
CA ALA D 74 -2.52 -7.35 -56.25
C ALA D 74 -3.50 -7.26 -55.08
N VAL D 75 -3.28 -8.11 -54.07
CA VAL D 75 -4.14 -8.23 -52.90
C VAL D 75 -3.39 -7.80 -51.65
N VAL D 76 -3.96 -6.85 -50.90
CA VAL D 76 -3.36 -6.34 -49.66
C VAL D 76 -3.48 -7.31 -48.47
N GLY D 77 -4.52 -8.14 -48.49
CA GLY D 77 -4.78 -9.14 -47.45
C GLY D 77 -6.15 -9.78 -47.48
N HIS D 78 -6.53 -10.39 -46.36
CA HIS D 78 -7.82 -11.06 -46.22
C HIS D 78 -8.82 -10.20 -45.43
N VAL D 79 -10.08 -10.25 -45.84
CA VAL D 79 -11.19 -9.58 -45.14
C VAL D 79 -11.47 -10.34 -43.83
N ALA D 80 -11.54 -9.60 -42.73
CA ALA D 80 -11.75 -10.18 -41.42
C ALA D 80 -13.21 -10.60 -41.18
N ALA D 81 -14.13 -9.63 -41.26
CA ALA D 81 -15.55 -9.84 -40.93
C ALA D 81 -16.50 -8.92 -41.71
N MET D 82 -17.78 -9.29 -41.69
CA MET D 82 -18.87 -8.48 -42.23
C MET D 82 -20.15 -8.76 -41.43
N GLN D 83 -20.86 -7.70 -41.05
CA GLN D 83 -22.08 -7.81 -40.23
C GLN D 83 -23.13 -6.75 -40.54
N SER D 84 -24.40 -7.15 -40.47
CA SER D 84 -25.54 -6.24 -40.59
C SER D 84 -25.63 -5.35 -39.34
N VAL D 85 -26.15 -4.15 -39.50
CA VAL D 85 -26.17 -3.15 -38.43
C VAL D 85 -27.49 -2.40 -38.29
N ARG D 86 -27.57 -1.52 -37.29
CA ARG D 86 -28.71 -0.64 -37.06
C ARG D 86 -28.82 0.49 -38.11
N ASP D 87 -27.79 0.63 -38.94
CA ASP D 87 -27.77 1.61 -40.05
C ASP D 87 -26.95 1.14 -41.27
N GLY D 88 -27.17 -0.10 -41.69
CA GLY D 88 -26.57 -0.64 -42.92
C GLY D 88 -25.65 -1.86 -42.77
N LEU D 89 -24.70 -2.00 -43.70
CA LEU D 89 -23.70 -3.08 -43.67
C LEU D 89 -22.33 -2.55 -43.24
N PHE D 90 -21.72 -3.23 -42.27
CA PHE D 90 -20.42 -2.86 -41.70
C PHE D 90 -19.42 -4.00 -41.81
N CYS D 91 -18.13 -3.65 -41.98
CA CYS D 91 -17.06 -4.63 -42.14
C CYS D 91 -15.76 -4.27 -41.43
N LEU D 92 -14.90 -5.26 -41.27
CA LEU D 92 -13.52 -5.09 -40.81
C LEU D 92 -12.56 -5.80 -41.77
N GLY D 93 -11.45 -5.13 -42.06
CA GLY D 93 -10.43 -5.64 -42.99
C GLY D 93 -9.02 -5.60 -42.41
N CYS D 94 -8.22 -6.59 -42.77
CA CYS D 94 -6.84 -6.72 -42.26
C CYS D 94 -5.81 -6.74 -43.39
N VAL D 95 -4.86 -5.80 -43.29
CA VAL D 95 -3.77 -5.66 -44.26
C VAL D 95 -2.61 -6.54 -43.78
N THR D 96 -2.31 -7.58 -44.56
CA THR D 96 -1.36 -8.63 -44.15
C THR D 96 -0.10 -8.75 -45.02
N SER D 97 -0.10 -8.10 -46.18
CA SER D 97 1.02 -8.19 -47.13
C SER D 97 2.22 -7.35 -46.69
N PRO D 98 3.39 -8.01 -46.48
CA PRO D 98 4.62 -7.29 -46.10
C PRO D 98 5.21 -6.46 -47.23
N ARG D 99 4.97 -6.92 -48.48
CA ARG D 99 5.46 -6.26 -49.68
C ARG D 99 4.72 -4.95 -49.95
N PHE D 100 3.41 -4.92 -49.66
CA PHE D 100 2.59 -3.72 -49.79
C PHE D 100 2.93 -2.67 -48.73
N LEU D 101 3.03 -3.11 -47.48
CA LEU D 101 3.31 -2.21 -46.36
C LEU D 101 4.73 -1.63 -46.35
N GLU D 102 5.67 -2.38 -46.95
CA GLU D 102 7.04 -1.90 -47.16
C GLU D 102 7.09 -0.75 -48.18
N ILE D 103 6.21 -0.80 -49.19
CA ILE D 103 6.01 0.32 -50.13
C ILE D 103 5.45 1.53 -49.39
N VAL D 104 4.45 1.27 -48.53
CA VAL D 104 3.78 2.30 -47.74
C VAL D 104 4.74 2.95 -46.74
N ARG D 105 5.62 2.12 -46.15
CA ARG D 105 6.65 2.60 -45.21
C ARG D 105 7.56 3.64 -45.87
N ARG D 106 8.16 3.26 -47.00
CA ARG D 106 9.05 4.14 -47.78
C ARG D 106 8.36 5.45 -48.18
N ALA D 107 7.12 5.34 -48.65
CA ALA D 107 6.32 6.47 -49.12
C ALA D 107 5.96 7.45 -48.01
N SER D 108 5.43 6.92 -46.91
CA SER D 108 4.99 7.69 -45.74
C SER D 108 6.10 8.56 -45.14
N GLU D 109 7.33 8.04 -45.20
CA GLU D 109 8.54 8.72 -44.73
C GLU D 109 8.79 10.04 -45.48
N LYS D 110 8.29 10.12 -46.71
CA LYS D 110 8.33 11.34 -47.51
C LYS D 110 6.91 11.85 -47.80
N SER D 111 6.33 12.55 -46.82
CA SER D 111 5.02 13.21 -46.93
C SER D 111 4.90 14.32 -45.90
N GLU D 112 4.52 15.52 -46.37
CA GLU D 112 4.31 16.68 -45.49
C GLU D 112 3.12 16.51 -44.55
N LEU D 113 2.12 15.73 -44.98
CA LEU D 113 0.90 15.45 -44.20
C LEU D 113 1.14 14.49 -43.03
N VAL D 114 1.85 13.40 -43.29
CA VAL D 114 2.18 12.40 -42.27
C VAL D 114 3.14 12.99 -41.24
N SER D 115 4.05 13.85 -41.71
CA SER D 115 5.03 14.52 -40.87
C SER D 115 4.40 15.45 -39.83
N ARG D 116 3.29 16.09 -40.20
CA ARG D 116 2.58 17.03 -39.30
C ARG D 116 1.90 16.34 -38.10
N GLY D 117 1.70 15.02 -38.20
CA GLY D 117 1.17 14.20 -37.11
C GLY D 117 -0.34 14.23 -36.96
N PRO D 118 -0.92 13.29 -36.16
CA PRO D 118 -2.37 13.24 -35.97
C PRO D 118 -2.86 14.30 -34.95
N VAL D 119 -3.95 14.00 -34.26
CA VAL D 119 -4.50 14.87 -33.22
C VAL D 119 -3.98 14.44 -31.83
N SER D 120 -3.97 15.38 -30.88
CA SER D 120 -3.63 15.10 -29.48
C SER D 120 -4.78 14.32 -28.80
N PRO D 121 -4.46 13.25 -28.06
CA PRO D 121 -3.11 12.74 -27.91
C PRO D 121 -2.98 11.33 -28.49
N LEU D 122 -2.59 11.26 -29.76
CA LEU D 122 -2.39 10.01 -30.49
C LEU D 122 -0.91 9.77 -30.77
N GLN D 123 -0.51 8.50 -30.74
CA GLN D 123 0.83 8.09 -31.15
C GLN D 123 1.01 8.35 -32.64
N PRO D 124 2.12 9.01 -33.04
CA PRO D 124 2.38 9.18 -34.46
C PRO D 124 2.79 7.85 -35.12
N ASP D 125 1.80 7.18 -35.68
CA ASP D 125 2.04 6.02 -36.53
C ASP D 125 2.10 6.56 -37.98
N LYS D 126 3.25 6.33 -38.62
CA LYS D 126 3.51 6.85 -39.96
C LYS D 126 2.87 6.02 -41.06
N VAL D 127 2.79 4.70 -40.84
CA VAL D 127 2.17 3.77 -41.77
C VAL D 127 0.65 3.98 -41.78
N VAL D 128 0.07 4.17 -40.59
CA VAL D 128 -1.39 4.30 -40.44
C VAL D 128 -1.91 5.61 -41.07
N GLU D 129 -1.22 6.73 -40.86
CA GLU D 129 -1.63 8.05 -41.37
C GLU D 129 -1.63 8.16 -42.90
N PHE D 130 -0.71 7.43 -43.54
CA PHE D 130 -0.63 7.34 -45.00
C PHE D 130 -1.83 6.59 -45.57
N LEU D 131 -2.11 5.42 -45.01
CA LEU D 131 -3.25 4.59 -45.40
C LEU D 131 -4.59 5.27 -45.12
N SER D 132 -4.66 6.04 -44.03
CA SER D 132 -5.84 6.85 -43.68
C SER D 132 -6.03 8.03 -44.63
N GLY D 133 -4.92 8.49 -45.23
CA GLY D 133 -4.94 9.58 -46.19
C GLY D 133 -5.23 9.13 -47.62
N SER D 134 -4.33 8.29 -48.13
CA SER D 134 -4.34 7.82 -49.52
C SER D 134 -5.51 6.90 -49.88
N TYR D 135 -6.05 6.20 -48.89
CA TYR D 135 -7.10 5.19 -49.12
C TYR D 135 -8.27 5.29 -48.11
N ALA D 136 -8.92 6.45 -48.08
CA ALA D 136 -9.99 6.71 -47.13
C ALA D 136 -11.38 6.29 -47.63
N GLY D 137 -11.53 5.02 -48.03
CA GLY D 137 -12.82 4.49 -48.50
C GLY D 137 -12.87 3.00 -48.78
N LEU D 138 -14.08 2.44 -48.74
CA LEU D 138 -14.33 1.02 -49.05
C LEU D 138 -15.32 0.87 -50.22
N SER D 139 -15.19 -0.24 -50.96
CA SER D 139 -16.14 -0.60 -52.03
C SER D 139 -16.26 -2.11 -52.22
N LEU D 140 -17.51 -2.59 -52.25
CA LEU D 140 -17.82 -4.03 -52.38
C LEU D 140 -18.46 -4.37 -53.72
N SER D 141 -17.96 -5.44 -54.34
CA SER D 141 -18.45 -5.92 -55.65
C SER D 141 -19.52 -7.01 -55.49
N SER D 142 -20.64 -6.83 -56.20
CA SER D 142 -21.77 -7.76 -56.17
C SER D 142 -21.47 -9.04 -56.95
N PRO D 161 -21.42 -14.92 -54.34
CA PRO D 161 -22.33 -13.80 -54.10
C PRO D 161 -21.60 -12.51 -53.71
N PHE D 162 -20.52 -12.64 -52.92
CA PHE D 162 -19.64 -11.53 -52.58
C PHE D 162 -18.25 -11.80 -53.17
N LYS D 163 -17.77 -10.86 -53.99
CA LYS D 163 -16.53 -11.06 -54.76
C LYS D 163 -15.29 -10.44 -54.11
N HIS D 164 -15.31 -9.13 -53.87
CA HIS D 164 -14.14 -8.38 -53.38
C HIS D 164 -14.47 -7.11 -52.60
N VAL D 165 -13.59 -6.79 -51.65
CA VAL D 165 -13.57 -5.51 -50.93
C VAL D 165 -12.34 -4.73 -51.40
N ALA D 166 -12.53 -3.44 -51.69
CA ALA D 166 -11.46 -2.60 -52.26
C ALA D 166 -11.26 -1.28 -51.52
N LEU D 167 -9.99 -0.89 -51.38
CA LEU D 167 -9.59 0.37 -50.74
C LEU D 167 -9.36 1.47 -51.77
N CYS D 168 -10.02 2.60 -51.56
CA CYS D 168 -10.03 3.71 -52.52
C CYS D 168 -10.02 5.06 -51.80
N SER D 169 -9.61 6.12 -52.51
CA SER D 169 -9.53 7.47 -51.95
C SER D 169 -10.90 8.06 -51.58
N VAL D 170 -11.95 7.55 -52.24
CA VAL D 170 -13.35 7.86 -51.94
C VAL D 170 -14.23 6.76 -52.54
N GLY D 171 -15.22 6.32 -51.76
CA GLY D 171 -16.14 5.24 -52.16
C GLY D 171 -17.19 5.65 -53.17
N ARG D 172 -17.59 4.69 -54.02
CA ARG D 172 -18.60 4.90 -55.07
C ARG D 172 -19.98 5.22 -54.49
N ARG D 173 -20.35 4.50 -53.42
CA ARG D 173 -21.56 4.78 -52.65
C ARG D 173 -21.20 5.55 -51.39
N ARG D 174 -21.79 6.74 -51.24
CA ARG D 174 -21.48 7.66 -50.14
C ARG D 174 -21.79 7.09 -48.77
N GLY D 175 -20.87 7.32 -47.82
CA GLY D 175 -20.97 6.79 -46.46
C GLY D 175 -20.14 5.54 -46.23
N THR D 176 -19.07 5.37 -47.00
CA THR D 176 -18.17 4.22 -46.86
C THR D 176 -16.76 4.67 -46.45
N LEU D 177 -16.70 5.50 -45.41
CA LEU D 177 -15.45 6.01 -44.84
C LEU D 177 -14.65 4.87 -44.20
N ALA D 178 -13.35 4.85 -44.49
CA ALA D 178 -12.43 3.89 -43.91
C ALA D 178 -11.64 4.52 -42.76
N VAL D 179 -11.74 3.89 -41.58
CA VAL D 179 -10.94 4.27 -40.42
C VAL D 179 -9.92 3.17 -40.17
N TYR D 180 -8.66 3.57 -40.00
CA TYR D 180 -7.54 2.67 -39.84
C TYR D 180 -7.01 2.68 -38.40
N GLY D 181 -6.46 1.55 -37.98
CA GLY D 181 -5.86 1.40 -36.64
C GLY D 181 -5.04 0.13 -36.51
N ARG D 182 -4.25 0.05 -35.44
CA ARG D 182 -3.38 -1.11 -35.16
C ARG D 182 -4.01 -2.14 -34.22
N ASP D 183 -4.88 -1.68 -33.33
CA ASP D 183 -5.69 -2.54 -32.47
C ASP D 183 -7.04 -2.82 -33.14
N PRO D 184 -7.44 -4.11 -33.24
CA PRO D 184 -8.65 -4.50 -33.99
C PRO D 184 -9.95 -3.94 -33.41
N GLU D 185 -10.08 -3.97 -32.09
CA GLU D 185 -11.27 -3.46 -31.39
C GLU D 185 -11.33 -1.93 -31.37
N TRP D 186 -10.16 -1.28 -31.46
CA TRP D 186 -10.04 0.18 -31.46
C TRP D 186 -10.74 0.84 -32.67
N VAL D 187 -10.67 0.16 -33.81
CA VAL D 187 -11.35 0.58 -35.04
C VAL D 187 -12.86 0.64 -34.84
N THR D 188 -13.43 -0.47 -34.37
CA THR D 188 -14.87 -0.62 -34.17
C THR D 188 -15.44 0.38 -33.17
N GLN D 189 -14.66 0.69 -32.14
CA GLN D 189 -15.05 1.63 -31.07
C GLN D 189 -15.16 3.09 -31.52
N ARG D 190 -14.58 3.40 -32.69
CA ARG D 190 -14.57 4.76 -33.22
C ARG D 190 -15.91 5.24 -33.81
N PHE D 191 -16.83 4.31 -34.04
CA PHE D 191 -18.17 4.60 -34.59
C PHE D 191 -19.25 4.71 -33.49
N PRO D 192 -19.81 5.92 -33.28
CA PRO D 192 -20.83 6.22 -32.25
C PRO D 192 -22.26 5.72 -32.54
N ASP D 193 -22.47 5.05 -33.67
CA ASP D 193 -23.78 4.53 -34.06
C ASP D 193 -24.06 3.14 -33.48
N LEU D 194 -23.15 2.19 -33.74
CA LEU D 194 -23.32 0.79 -33.36
C LEU D 194 -22.95 0.50 -31.90
N THR D 195 -23.70 -0.42 -31.27
CA THR D 195 -23.44 -0.83 -29.88
C THR D 195 -22.84 -2.24 -29.80
N ALA D 196 -23.06 -2.92 -28.66
CA ALA D 196 -22.52 -4.25 -28.38
C ALA D 196 -23.10 -5.36 -29.25
N ALA D 197 -24.33 -5.15 -29.73
CA ALA D 197 -25.04 -6.09 -30.62
C ALA D 197 -24.33 -6.29 -31.96
N ASP D 198 -23.54 -5.30 -32.37
CA ASP D 198 -22.75 -5.34 -33.60
C ASP D 198 -21.30 -5.73 -33.29
N ARG D 199 -20.73 -5.10 -32.27
CA ARG D 199 -19.31 -5.24 -31.89
C ARG D 199 -18.92 -6.66 -31.43
N ASP D 200 -19.78 -7.29 -30.62
CA ASP D 200 -19.58 -8.69 -30.21
C ASP D 200 -19.87 -9.66 -31.34
N GLY D 201 -20.84 -9.32 -32.19
CA GLY D 201 -21.20 -10.10 -33.37
C GLY D 201 -20.08 -10.21 -34.39
N LEU D 202 -19.38 -9.11 -34.61
CA LEU D 202 -18.20 -9.07 -35.49
C LEU D 202 -17.01 -9.81 -34.89
N ARG D 203 -16.80 -9.64 -33.58
CA ARG D 203 -15.68 -10.23 -32.81
C ARG D 203 -15.62 -11.77 -32.89
N ALA D 204 -16.78 -12.40 -33.03
CA ALA D 204 -16.90 -13.86 -33.15
C ALA D 204 -16.30 -14.44 -34.44
N GLN D 205 -16.22 -13.61 -35.49
CA GLN D 205 -15.69 -14.02 -36.79
C GLN D 205 -14.16 -14.11 -36.86
N TRP D 206 -13.48 -13.66 -35.81
CA TRP D 206 -12.01 -13.67 -35.74
C TRP D 206 -11.51 -14.02 -34.34
N GLY D 218 2.06 -17.56 -49.59
CA GLY D 218 2.83 -16.56 -48.85
C GLY D 218 2.29 -15.15 -49.07
N ASP D 219 2.76 -14.50 -50.14
CA ASP D 219 2.37 -13.13 -50.48
C ASP D 219 1.44 -13.12 -51.71
N PRO D 220 0.20 -12.56 -51.54
CA PRO D 220 -0.75 -12.46 -52.66
C PRO D 220 -0.64 -11.19 -53.53
N PHE D 221 0.09 -10.18 -53.04
CA PHE D 221 0.27 -8.90 -53.72
C PHE D 221 1.24 -9.03 -54.90
N ARG D 222 0.80 -8.52 -56.06
CA ARG D 222 1.58 -8.63 -57.32
C ARG D 222 2.13 -7.29 -57.84
N SER D 223 1.44 -6.20 -57.53
CA SER D 223 1.84 -4.84 -57.95
C SER D 223 3.05 -4.33 -57.15
N ASP D 224 3.49 -3.10 -57.48
CA ASP D 224 4.55 -2.41 -56.76
C ASP D 224 4.22 -0.92 -56.59
N SER D 225 5.23 -0.12 -56.23
CA SER D 225 5.07 1.32 -56.07
C SER D 225 4.57 2.05 -57.31
N TYR D 226 4.89 1.52 -58.49
CA TYR D 226 4.45 2.07 -59.77
C TYR D 226 2.93 1.92 -59.97
N GLY D 227 2.39 0.75 -59.63
CA GLY D 227 0.96 0.48 -59.74
C GLY D 227 0.08 1.33 -58.84
N LEU D 228 0.64 1.74 -57.70
CA LEU D 228 -0.05 2.59 -56.73
C LEU D 228 0.09 4.07 -57.06
N LEU D 229 1.26 4.44 -57.57
CA LEU D 229 1.51 5.80 -58.07
C LEU D 229 0.58 6.11 -59.25
N GLY D 230 0.34 5.10 -60.09
CA GLY D 230 -0.60 5.19 -61.19
C GLY D 230 -2.03 5.41 -60.71
N ASN D 231 -2.43 4.68 -59.68
CA ASN D 231 -3.75 4.82 -59.07
C ASN D 231 -4.05 6.24 -58.59
N SER D 232 -3.01 6.93 -58.09
CA SER D 232 -3.17 8.22 -57.41
C SER D 232 -3.63 9.38 -58.29
N VAL D 233 -3.34 9.34 -59.59
CA VAL D 233 -3.82 10.39 -60.52
C VAL D 233 -5.32 10.28 -60.79
N ASP D 234 -5.83 9.05 -60.86
CA ASP D 234 -7.27 8.79 -61.00
C ASP D 234 -8.00 9.43 -59.84
N ALA D 235 -7.43 9.27 -58.64
CA ALA D 235 -7.94 9.83 -57.39
C ALA D 235 -7.99 11.36 -57.39
N LEU D 236 -6.99 12.00 -57.99
CA LEU D 236 -6.90 13.46 -58.06
C LEU D 236 -7.97 14.15 -58.93
N TYR D 237 -8.73 13.35 -59.68
CA TYR D 237 -9.79 13.86 -60.56
C TYR D 237 -11.16 13.24 -60.27
N ILE D 238 -11.59 13.39 -59.01
CA ILE D 238 -12.95 13.04 -58.59
C ILE D 238 -13.53 14.33 -58.00
N ARG D 239 -14.29 15.04 -58.84
CA ARG D 239 -14.85 16.36 -58.51
C ARG D 239 -15.66 16.34 -57.21
N GLU D 240 -15.25 17.19 -56.26
CA GLU D 240 -15.80 17.29 -54.89
C GLU D 240 -15.61 16.01 -54.05
N LEU D 242 -12.89 16.31 -52.09
CA LEU D 242 -12.57 16.55 -50.68
C LEU D 242 -13.80 16.73 -49.76
N PRO D 243 -14.74 17.68 -50.08
CA PRO D 243 -15.89 17.87 -49.18
C PRO D 243 -16.87 16.68 -49.10
N LYS D 244 -16.85 15.82 -50.11
CA LYS D 244 -17.64 14.58 -50.13
C LYS D 244 -17.15 13.58 -49.08
N LEU D 245 -15.85 13.61 -48.80
CA LEU D 245 -15.22 12.74 -47.81
C LEU D 245 -15.44 13.24 -46.38
N ARG D 246 -15.55 14.56 -46.23
CA ARG D 246 -15.90 15.21 -44.96
C ARG D 246 -17.33 14.90 -44.51
N TYR D 247 -18.23 14.72 -45.48
CA TYR D 247 -19.63 14.32 -45.24
C TYR D 247 -19.69 12.90 -44.66
N ASP D 248 -18.83 12.02 -45.16
CA ASP D 248 -18.69 10.66 -44.65
C ASP D 248 -18.07 10.63 -43.26
N LYS D 249 -17.28 11.66 -42.95
CA LYS D 249 -16.71 11.89 -41.62
C LYS D 249 -17.80 12.46 -40.70
N GLN D 250 -18.08 13.76 -40.86
CA GLN D 250 -19.07 14.48 -40.06
C GLN D 250 -20.51 14.14 -40.44
N LEU D 251 -20.81 12.84 -40.47
CA LEU D 251 -22.13 12.30 -40.80
C LEU D 251 -22.36 11.07 -39.93
N VAL D 252 -21.62 10.00 -40.24
CA VAL D 252 -21.71 8.74 -39.48
C VAL D 252 -20.74 8.79 -38.28
N GLY D 253 -21.00 9.75 -37.39
CA GLY D 253 -20.25 9.91 -36.14
C GLY D 253 -18.86 10.52 -36.29
N VAL D 254 -17.89 9.89 -35.61
CA VAL D 254 -16.49 10.34 -35.57
C VAL D 254 -16.40 11.86 -35.28
N THR D 255 -16.95 12.25 -34.13
CA THR D 255 -17.11 13.65 -33.74
C THR D 255 -15.79 14.26 -33.27
N GLU D 258 -10.69 12.92 -32.44
CA GLU D 258 -11.21 11.65 -31.93
C GLU D 258 -10.70 10.40 -32.69
N SER D 259 -9.93 10.62 -33.78
CA SER D 259 -9.53 9.55 -34.71
C SER D 259 -8.19 9.80 -35.44
N TYR D 260 -7.71 8.75 -36.11
CA TYR D 260 -6.48 8.78 -36.93
C TYR D 260 -6.65 9.50 -38.28
N VAL D 261 -7.86 9.42 -38.83
CA VAL D 261 -8.19 9.86 -40.21
C VAL D 261 -7.88 11.35 -40.47
N LYS D 262 -7.10 11.58 -41.53
CA LYS D 262 -6.63 12.91 -41.91
C LYS D 262 -7.69 13.77 -42.62
N ALA D 263 -8.76 13.12 -43.10
CA ALA D 263 -9.85 13.81 -43.77
C ALA D 263 -10.69 14.66 -42.81
N PHE E 1 -1.37 -16.99 58.76
CA PHE E 1 -0.85 -16.91 57.36
C PHE E 1 0.68 -16.71 57.31
N ILE E 2 1.31 -17.35 56.32
CA ILE E 2 2.72 -17.12 56.00
C ILE E 2 2.79 -16.26 54.72
N THR E 3 3.64 -15.24 54.73
CA THR E 3 3.85 -14.38 53.56
C THR E 3 5.23 -14.64 52.97
N GLY E 4 5.42 -14.26 51.71
CA GLY E 4 6.76 -14.25 51.11
C GLY E 4 7.44 -12.89 51.17
N HIS E 5 7.38 -12.25 52.34
CA HIS E 5 7.84 -10.88 52.56
C HIS E 5 9.06 -10.89 53.50
N TYR E 6 9.85 -9.82 53.48
CA TYR E 6 10.97 -9.68 54.44
C TYR E 6 10.59 -9.10 55.79
N TRP E 7 9.62 -8.19 55.80
CA TRP E 7 9.24 -7.45 57.00
C TRP E 7 7.97 -7.96 57.67
N VAL E 8 6.92 -8.21 56.88
CA VAL E 8 5.64 -8.72 57.40
C VAL E 8 5.61 -10.22 57.11
N ARG E 9 6.02 -11.03 58.07
CA ARG E 9 6.29 -12.45 57.78
C ARG E 9 5.12 -13.37 58.05
N PHE E 10 4.55 -13.24 59.24
CA PHE E 10 3.33 -13.95 59.65
C PHE E 10 2.17 -12.98 59.55
N LEU E 11 0.95 -13.49 59.58
CA LEU E 11 -0.26 -12.67 59.43
C LEU E 11 -1.47 -13.37 60.05
N PRO E 12 -2.17 -12.73 61.01
CA PRO E 12 -3.24 -13.36 61.83
C PRO E 12 -4.34 -14.06 61.04
N CCS E 13 -4.83 -15.18 61.59
CA CCS E 13 -5.85 -16.03 60.95
CB CCS E 13 -5.22 -17.11 60.07
SG CCS E 13 -4.11 -18.17 60.95
CD CCS E 13 -2.54 -17.49 60.47
CE CCS E 13 -2.11 -17.97 59.10
OZ1 CCS E 13 -1.89 -19.16 58.91
C CCS E 13 -6.72 -16.69 62.01
O CCS E 13 -7.49 -16.03 62.71
N PHE F 1 19.78 -13.52 -13.69
CA PHE F 1 19.28 -13.47 -12.28
C PHE F 1 17.75 -13.39 -12.20
N ILE F 2 17.17 -14.23 -11.33
CA ILE F 2 15.75 -14.18 -10.99
C ILE F 2 15.54 -13.44 -9.67
N THR F 3 14.53 -12.58 -9.63
CA THR F 3 14.21 -11.78 -8.43
C THR F 3 12.83 -12.11 -7.86
N GLY F 4 12.65 -11.82 -6.58
CA GLY F 4 11.35 -11.93 -5.92
C GLY F 4 10.58 -10.62 -5.88
N HIS F 5 10.88 -9.72 -6.82
CA HIS F 5 10.21 -8.43 -7.01
C HIS F 5 9.01 -8.60 -7.96
N TYR F 6 8.12 -7.61 -7.98
CA TYR F 6 6.97 -7.62 -8.87
C TYR F 6 7.18 -6.89 -10.19
N TRP F 7 8.14 -5.98 -10.23
CA TRP F 7 8.37 -5.16 -11.42
C TRP F 7 9.67 -5.55 -12.11
N VAL F 8 10.79 -5.37 -11.41
CA VAL F 8 12.12 -5.70 -11.93
C VAL F 8 12.34 -7.19 -11.69
N ARG F 9 11.76 -8.00 -12.57
CA ARG F 9 11.68 -9.45 -12.41
C ARG F 9 12.97 -10.17 -12.80
N PHE F 10 13.73 -9.57 -13.71
CA PHE F 10 14.97 -10.13 -14.23
C PHE F 10 16.06 -9.08 -14.33
N LEU F 11 17.30 -9.53 -14.08
CA LEU F 11 18.50 -8.68 -14.16
C LEU F 11 19.59 -9.43 -14.92
N PRO F 12 20.36 -8.73 -15.78
CA PRO F 12 21.28 -9.43 -16.70
C PRO F 12 22.56 -9.97 -16.03
N CCS F 13 23.03 -11.11 -16.53
CA CCS F 13 24.25 -11.77 -16.05
CB CCS F 13 23.92 -13.02 -15.24
SG CCS F 13 22.83 -14.10 -16.11
CD CCS F 13 21.87 -14.63 -14.73
CE CCS F 13 20.66 -13.74 -14.57
OZ1 CCS F 13 19.91 -13.53 -15.51
C CCS F 13 25.13 -12.14 -17.23
O CCS F 13 26.35 -12.26 -17.09
N PHE G 1 -14.58 22.31 8.01
CA PHE G 1 -14.65 21.68 6.66
C PHE G 1 -14.46 20.16 6.73
N ILE G 2 -15.26 19.46 5.92
CA ILE G 2 -15.21 18.00 5.79
C ILE G 2 -14.66 17.66 4.40
N THR G 3 -13.80 16.65 4.34
CA THR G 3 -13.15 16.28 3.08
C THR G 3 -13.45 14.84 2.69
N GLY G 4 -13.42 14.57 1.39
CA GLY G 4 -13.60 13.21 0.85
C GLY G 4 -12.30 12.43 0.77
N HIS G 5 -11.45 12.61 1.78
CA HIS G 5 -10.11 12.03 1.86
C HIS G 5 -10.03 10.97 2.97
N TYR G 6 -9.11 10.01 2.83
CA TYR G 6 -8.92 8.95 3.84
C TYR G 6 -8.08 9.30 5.09
N TRP G 7 -7.25 10.34 4.99
CA TRP G 7 -6.29 10.66 6.07
C TRP G 7 -6.52 12.03 6.69
N VAL G 8 -6.49 13.08 5.88
CA VAL G 8 -6.82 14.43 6.35
C VAL G 8 -8.31 14.59 6.11
N ARG G 9 -9.12 14.11 7.06
CA ARG G 9 -10.57 14.00 6.81
C ARG G 9 -11.49 15.04 7.46
N PHE G 10 -10.90 16.02 8.15
CA PHE G 10 -11.66 17.12 8.77
C PHE G 10 -10.78 18.35 9.00
N LEU G 11 -10.56 19.11 7.93
CA LEU G 11 -9.76 20.35 7.96
C LEU G 11 -10.43 21.46 8.81
N PRO G 12 -9.62 22.21 9.62
CA PRO G 12 -10.16 23.17 10.60
C PRO G 12 -10.84 24.41 10.01
N CCS G 13 -11.81 24.96 10.74
CA CCS G 13 -12.48 26.22 10.37
CB CCS G 13 -13.66 25.99 9.44
SG CCS G 13 -14.87 24.94 10.18
CD CCS G 13 -15.64 24.37 8.70
CE CCS G 13 -15.54 22.86 8.60
OZ1 CCS G 13 -16.09 22.15 9.44
C CCS G 13 -12.92 26.95 11.62
O CCS G 13 -13.07 28.16 11.62
#